data_6ERD
#
_entry.id   6ERD
#
_cell.length_a   68.520
_cell.length_b   84.170
_cell.length_c   72.080
_cell.angle_alpha   90.00
_cell.angle_beta   98.49
_cell.angle_gamma   90.00
#
_symmetry.space_group_name_H-M   'P 1 21 1'
#
loop_
_entity.id
_entity.type
_entity.pdbx_description
1 polymer "Aminoglycoside N6'-acetyltransferase"
2 polymer "Aminoglycoside N6'-acetyltransferase"
3 non-polymer GLYCEROL
4 non-polymer 'CHLORIDE ION'
5 water water
#
loop_
_entity_poly.entity_id
_entity_poly.type
_entity_poly.pdbx_seq_one_letter_code
_entity_poly.pdbx_strand_id
1 'polypeptide(L)'
;(MSE)GSSHHHHHHSSGLVPRGSH(MSE)AS(MSE)TGGQQ(MSE)GRDPNSSSVDKLVIKLESFKKSDFKQLINWINSE
EFLIQWSGNAFTFPLDEQQLEKYIESANTLAFKVVDEETSDVIGHISLGQIDNINKSARIGKVLVGNTK(MSE)RGRSIG
KH(MSE)(MSE)KAVLHIAFDELKLHRVTLGVYDFNTSAIS(CME)YEKIGFVKEGLLRESKRVGETYWNLWE(MSE)S
(MSE)LEYEWKK
;
A,B
2 'polypeptide(L)'
;(MSE)GSSHHHHHHSSGLVPRGSH(MSE)AS(MSE)TGGQQ(MSE)GRDPNSSSVDKLVIKLESFKKSDFKQLINWINSE
EFLIQWSGNAFTFPLDEQQLEKYIESANTLAFKVVDEETSDVIGHISLGQIDNINKSARIGKVLVGNTK(MSE)RGRSIG
KH(MSE)(MSE)KAVLHIAFDELKLHRVTLGVYDFNTSAISCYEKIGFVKEGLLRESKRVGETYWNLWE(MSE)S(MSE)
LEYEWKK
;
C,D
#
loop_
_chem_comp.id
_chem_comp.type
_chem_comp.name
_chem_comp.formula
CL non-polymer 'CHLORIDE ION' 'Cl -1'
GOL non-polymer GLYCEROL 'C3 H8 O3'
#
# COMPACT_ATOMS: atom_id res chain seq x y z
N LYS A 41 14.42 43.53 -31.20
CA LYS A 41 15.08 42.91 -30.03
C LYS A 41 14.71 41.41 -29.86
N LEU A 42 15.36 40.53 -30.66
CA LEU A 42 15.53 39.13 -30.21
C LEU A 42 16.78 39.11 -29.32
N VAL A 43 16.55 39.11 -28.01
CA VAL A 43 17.61 39.06 -27.00
C VAL A 43 17.85 37.55 -26.55
N ILE A 44 16.77 36.76 -26.42
CA ILE A 44 16.93 35.33 -26.03
C ILE A 44 16.10 34.46 -26.97
N LYS A 45 16.44 33.18 -27.07
CA LYS A 45 15.56 32.19 -27.66
C LYS A 45 15.38 31.02 -26.70
N LEU A 46 14.24 30.34 -26.79
CA LEU A 46 14.03 29.13 -26.03
C LEU A 46 14.41 27.96 -26.89
N GLU A 47 15.11 26.99 -26.35
CA GLU A 47 15.36 25.70 -27.06
C GLU A 47 15.06 24.57 -26.07
N SER A 48 14.89 23.38 -26.58
N SER A 48 14.88 23.38 -26.57
CA SER A 48 14.57 22.22 -25.72
CA SER A 48 14.54 22.23 -25.70
C SER A 48 15.77 21.91 -24.80
C SER A 48 15.76 21.91 -24.80
N PHE A 49 15.51 21.79 -23.52
CA PHE A 49 16.45 21.42 -22.52
C PHE A 49 16.77 19.89 -22.66
N LYS A 50 18.07 19.54 -22.72
CA LYS A 50 18.53 18.19 -23.02
C LYS A 50 19.56 17.74 -22.03
N LYS A 51 19.97 16.46 -22.10
CA LYS A 51 20.96 15.90 -21.20
C LYS A 51 22.27 16.67 -21.10
N SER A 52 22.69 17.22 -22.19
CA SER A 52 23.94 17.99 -22.19
C SER A 52 23.84 19.35 -21.48
N ASP A 53 22.63 19.73 -21.05
CA ASP A 53 22.42 20.93 -20.24
C ASP A 53 22.21 20.63 -18.76
N PHE A 54 22.19 19.37 -18.37
CA PHE A 54 21.85 18.98 -17.00
C PHE A 54 22.87 19.47 -16.00
N LYS A 55 24.17 19.29 -16.27
CA LYS A 55 25.17 19.64 -15.26
C LYS A 55 25.17 21.14 -14.98
N GLN A 56 24.97 21.93 -16.00
CA GLN A 56 24.86 23.34 -15.81
C GLN A 56 23.72 23.73 -14.83
N LEU A 57 22.55 23.13 -14.99
CA LEU A 57 21.47 23.43 -14.11
C LEU A 57 21.73 22.89 -12.71
N ILE A 58 22.31 21.71 -12.61
CA ILE A 58 22.67 21.15 -11.31
C ILE A 58 23.59 22.11 -10.53
N ASN A 59 24.51 22.71 -11.26
CA ASN A 59 25.43 23.73 -10.66
C ASN A 59 24.69 25.01 -10.27
N TRP A 60 23.72 25.44 -11.07
CA TRP A 60 23.01 26.65 -10.71
C TRP A 60 22.14 26.50 -9.46
N ILE A 61 21.60 25.27 -9.24
CA ILE A 61 20.71 25.05 -8.15
C ILE A 61 21.55 24.47 -7.01
N ASN A 62 22.19 25.38 -6.30
CA ASN A 62 23.26 25.03 -5.40
C ASN A 62 22.80 24.75 -3.95
N SER A 63 21.55 25.01 -3.56
CA SER A 63 21.14 24.75 -2.22
C SER A 63 19.71 24.29 -2.23
N GLU A 64 19.30 23.62 -1.16
CA GLU A 64 17.97 23.12 -1.00
C GLU A 64 16.92 24.23 -1.01
N GLU A 65 17.16 25.29 -0.24
N GLU A 65 17.16 25.30 -0.25
CA GLU A 65 16.28 26.42 -0.20
CA GLU A 65 16.20 26.40 -0.23
C GLU A 65 16.07 27.04 -1.58
C GLU A 65 16.07 27.04 -1.58
N PHE A 66 17.15 27.18 -2.31
CA PHE A 66 17.05 27.71 -3.66
C PHE A 66 16.27 26.73 -4.60
N LEU A 67 16.47 25.42 -4.44
N LEU A 67 16.47 25.42 -4.44
CA LEU A 67 15.75 24.45 -5.22
CA LEU A 67 15.75 24.45 -5.22
C LEU A 67 14.24 24.60 -5.03
C LEU A 67 14.24 24.60 -5.03
N ILE A 68 13.83 24.81 -3.79
CA ILE A 68 12.46 24.99 -3.46
C ILE A 68 11.91 26.32 -4.06
N GLN A 69 12.64 27.41 -3.92
CA GLN A 69 12.18 28.67 -4.54
C GLN A 69 12.00 28.50 -6.05
N TRP A 70 12.91 27.77 -6.67
CA TRP A 70 12.86 27.57 -8.09
C TRP A 70 11.79 26.61 -8.57
N SER A 71 11.58 25.51 -7.86
CA SER A 71 10.80 24.43 -8.43
C SER A 71 9.76 23.85 -7.47
N GLY A 72 9.64 24.38 -6.26
CA GLY A 72 8.64 23.88 -5.33
C GLY A 72 8.81 22.44 -4.87
N ASN A 73 7.83 21.60 -5.12
CA ASN A 73 7.86 20.14 -4.79
C ASN A 73 8.30 19.26 -5.93
N ALA A 74 8.70 19.82 -7.04
CA ALA A 74 9.03 18.95 -8.20
C ALA A 74 10.24 18.03 -7.97
N PHE A 75 11.23 18.49 -7.20
CA PHE A 75 12.49 17.77 -7.06
C PHE A 75 12.93 17.58 -5.60
N THR A 76 13.96 16.76 -5.41
CA THR A 76 14.73 16.69 -4.15
C THR A 76 16.14 17.21 -4.40
N PHE A 77 16.71 17.84 -3.39
CA PHE A 77 18.06 18.38 -3.43
C PHE A 77 19.04 17.33 -2.97
N PRO A 78 20.18 17.17 -3.63
CA PRO A 78 20.56 17.89 -4.84
C PRO A 78 19.95 17.22 -6.07
N LEU A 79 19.88 18.03 -7.12
CA LEU A 79 19.46 17.58 -8.39
C LEU A 79 20.44 16.56 -8.93
N ASP A 80 19.93 15.62 -9.72
CA ASP A 80 20.76 14.61 -10.37
C ASP A 80 20.11 14.24 -11.71
N GLU A 81 20.83 13.45 -12.44
CA GLU A 81 20.50 13.11 -13.81
C GLU A 81 19.18 12.32 -13.94
N GLN A 82 18.93 11.43 -13.00
CA GLN A 82 17.71 10.65 -13.01
C GLN A 82 16.46 11.53 -12.83
N GLN A 83 16.50 12.47 -11.91
CA GLN A 83 15.38 13.39 -11.72
C GLN A 83 15.16 14.23 -12.98
N LEU A 84 16.25 14.68 -13.62
CA LEU A 84 16.11 15.59 -14.76
C LEU A 84 15.64 14.83 -15.99
N GLU A 85 16.04 13.57 -16.08
CA GLU A 85 15.62 12.72 -17.19
C GLU A 85 14.10 12.49 -17.10
N LYS A 86 13.62 12.24 -15.92
CA LYS A 86 12.19 12.05 -15.67
C LYS A 86 11.41 13.32 -15.97
N TYR A 87 11.97 14.47 -15.57
CA TYR A 87 11.42 15.77 -15.93
C TYR A 87 11.26 15.96 -17.41
N ILE A 88 12.32 15.79 -18.18
CA ILE A 88 12.20 16.06 -19.63
C ILE A 88 11.37 15.03 -20.36
N GLU A 89 11.16 13.85 -19.77
CA GLU A 89 10.25 12.88 -20.36
C GLU A 89 8.82 12.96 -19.87
N SER A 90 8.51 13.83 -18.89
N SER A 90 8.51 13.83 -18.89
CA SER A 90 7.15 13.83 -18.35
CA SER A 90 7.14 13.85 -18.35
C SER A 90 6.11 14.33 -19.37
C SER A 90 6.11 14.33 -19.37
N ALA A 91 4.93 13.73 -19.30
CA ALA A 91 3.83 14.17 -20.13
C ALA A 91 3.42 15.62 -19.72
N ASN A 92 2.96 16.36 -20.70
CA ASN A 92 2.35 17.63 -20.45
C ASN A 92 3.31 18.68 -19.86
N THR A 93 4.58 18.54 -20.23
CA THR A 93 5.66 19.39 -19.76
C THR A 93 6.60 19.74 -20.91
N LEU A 94 6.91 21.03 -21.05
CA LEU A 94 7.91 21.49 -22.01
C LEU A 94 9.04 22.08 -21.16
N ALA A 95 10.24 21.60 -21.33
CA ALA A 95 11.42 22.14 -20.59
C ALA A 95 12.32 22.89 -21.52
N PHE A 96 12.62 24.14 -21.19
CA PHE A 96 13.47 25.01 -22.03
C PHE A 96 14.76 25.51 -21.39
N LYS A 97 15.82 25.45 -22.18
CA LYS A 97 17.00 26.27 -21.94
C LYS A 97 16.84 27.61 -22.58
N VAL A 98 17.38 28.63 -21.95
CA VAL A 98 17.28 30.01 -22.46
C VAL A 98 18.66 30.34 -23.02
N VAL A 99 18.69 30.69 -24.32
CA VAL A 99 19.95 30.93 -25.05
C VAL A 99 20.06 32.39 -25.39
N ASP A 100 21.15 32.99 -25.01
CA ASP A 100 21.49 34.38 -25.35
C ASP A 100 21.81 34.48 -26.84
N GLU A 101 21.04 35.26 -27.56
CA GLU A 101 21.28 35.50 -28.99
C GLU A 101 22.68 36.06 -29.30
N GLU A 102 23.15 36.96 -28.48
CA GLU A 102 24.49 37.56 -28.68
C GLU A 102 25.62 36.52 -28.59
N THR A 103 25.72 35.78 -27.50
CA THR A 103 26.85 34.92 -27.26
C THR A 103 26.61 33.48 -27.59
N SER A 104 25.38 33.08 -27.79
CA SER A 104 24.96 31.66 -27.81
C SER A 104 25.13 30.85 -26.54
N ASP A 105 25.43 31.49 -25.43
CA ASP A 105 25.50 30.84 -24.15
C ASP A 105 24.14 30.51 -23.63
N VAL A 106 24.07 29.39 -22.90
CA VAL A 106 22.90 29.10 -22.12
C VAL A 106 22.88 29.92 -20.83
N ILE A 107 21.87 30.75 -20.64
CA ILE A 107 21.83 31.67 -19.48
C ILE A 107 20.64 31.50 -18.52
N GLY A 108 19.79 30.50 -18.75
CA GLY A 108 18.70 30.27 -17.83
C GLY A 108 17.87 29.07 -18.19
N HIS A 109 16.74 28.99 -17.51
CA HIS A 109 15.88 27.88 -17.64
C HIS A 109 14.46 28.36 -17.46
N ILE A 110 13.54 27.68 -18.12
CA ILE A 110 12.11 27.94 -17.86
C ILE A 110 11.27 26.78 -18.34
N SER A 111 10.06 26.59 -17.75
CA SER A 111 9.24 25.47 -18.13
C SER A 111 7.79 25.83 -18.26
N LEU A 112 7.09 25.15 -19.20
CA LEU A 112 5.64 25.19 -19.25
C LEU A 112 5.12 23.82 -18.90
N GLY A 113 4.50 23.66 -17.74
CA GLY A 113 4.05 22.38 -17.22
C GLY A 113 2.55 22.35 -17.01
N GLN A 114 2.06 21.22 -16.56
CA GLN A 114 0.63 20.96 -16.36
C GLN A 114 -0.23 21.38 -17.58
N ILE A 115 0.27 21.09 -18.78
CA ILE A 115 -0.38 21.50 -19.97
C ILE A 115 -1.65 20.64 -20.05
N ASP A 116 -2.80 21.29 -20.04
CA ASP A 116 -4.10 20.67 -19.83
C ASP A 116 -4.96 21.05 -21.01
N ASN A 117 -5.13 20.11 -21.96
CA ASN A 117 -5.87 20.44 -23.15
C ASN A 117 -7.34 20.35 -23.04
N ILE A 118 -7.88 19.86 -21.94
CA ILE A 118 -9.33 19.92 -21.68
C ILE A 118 -9.69 21.31 -21.15
N ASN A 119 -8.99 21.81 -20.14
CA ASN A 119 -9.30 23.12 -19.62
C ASN A 119 -8.57 24.26 -20.33
N LYS A 120 -7.68 23.93 -21.26
CA LYS A 120 -6.86 24.90 -21.98
C LYS A 120 -6.07 25.79 -21.06
N SER A 121 -5.26 25.12 -20.26
CA SER A 121 -4.44 25.85 -19.31
C SER A 121 -3.06 25.20 -19.20
N ALA A 122 -2.12 25.96 -18.62
CA ALA A 122 -0.77 25.49 -18.31
C ALA A 122 -0.16 26.34 -17.23
N ARG A 123 0.96 25.90 -16.68
CA ARG A 123 1.64 26.56 -15.57
C ARG A 123 3.09 26.83 -15.94
N ILE A 124 3.48 28.11 -15.89
CA ILE A 124 4.91 28.47 -15.98
C ILE A 124 5.59 28.21 -14.67
N GLY A 125 6.77 27.60 -14.73
CA GLY A 125 7.52 27.31 -13.49
C GLY A 125 9.01 27.08 -13.84
N LYS A 126 9.77 26.77 -12.79
CA LYS A 126 11.19 26.50 -12.88
C LYS A 126 11.90 27.65 -13.61
N VAL A 127 11.55 28.88 -13.21
CA VAL A 127 12.04 30.09 -13.89
C VAL A 127 13.41 30.41 -13.28
N LEU A 128 14.45 30.39 -14.06
CA LEU A 128 15.80 30.70 -13.56
C LEU A 128 16.56 31.60 -14.52
N VAL A 129 17.03 32.72 -14.00
CA VAL A 129 18.03 33.57 -14.76
C VAL A 129 19.39 33.21 -14.15
N GLY A 130 20.25 32.57 -14.94
CA GLY A 130 21.38 31.86 -14.34
C GLY A 130 22.50 32.85 -14.17
N ASN A 131 22.71 33.69 -15.17
CA ASN A 131 23.55 34.91 -15.08
C ASN A 131 22.82 36.14 -15.81
N THR A 132 23.18 37.41 -15.51
CA THR A 132 22.68 38.64 -16.25
C THR A 132 21.27 39.18 -15.96
N ARG A 137 18.52 44.67 -17.70
CA ARG A 137 18.49 44.18 -19.08
C ARG A 137 17.20 43.32 -19.38
N SER A 138 16.25 43.27 -18.46
CA SER A 138 15.47 42.09 -18.08
C SER A 138 15.24 40.91 -19.03
N ILE A 139 16.22 40.07 -18.79
CA ILE A 139 16.30 38.78 -19.40
C ILE A 139 15.06 38.02 -18.93
N GLY A 140 14.71 38.10 -17.64
CA GLY A 140 13.50 37.45 -17.10
C GLY A 140 12.22 37.85 -17.81
N LYS A 141 12.04 39.15 -18.08
CA LYS A 141 10.91 39.58 -18.90
C LYS A 141 10.92 38.99 -20.28
N HIS A 142 12.06 38.95 -20.94
CA HIS A 142 12.09 38.36 -22.29
C HIS A 142 11.72 36.88 -22.23
N MSE A 143 12.19 36.18 -21.19
CA MSE A 143 11.91 34.75 -21.05
C MSE A 143 10.44 34.55 -20.82
O MSE A 143 9.85 33.65 -21.43
CB MSE A 143 12.65 34.18 -19.82
CG MSE A 143 14.17 34.13 -20.07
SE MSE A 143 15.22 33.73 -18.36
CE MSE A 143 13.95 32.43 -17.62
N MSE A 144 9.82 35.37 -19.94
CA MSE A 144 8.40 35.23 -19.70
C MSE A 144 7.61 35.46 -20.98
O MSE A 144 6.69 34.69 -21.31
CB MSE A 144 7.85 36.20 -18.66
CG MSE A 144 8.45 35.99 -17.31
SE MSE A 144 7.97 34.15 -16.54
CE MSE A 144 6.03 34.48 -16.41
N LYS A 145 7.93 36.51 -21.72
CA LYS A 145 7.21 36.78 -22.93
C LYS A 145 7.38 35.68 -24.00
N ALA A 146 8.57 35.12 -24.13
CA ALA A 146 8.76 34.03 -25.04
C ALA A 146 7.88 32.81 -24.64
N VAL A 147 7.75 32.48 -23.33
CA VAL A 147 6.97 31.28 -22.98
CA VAL A 147 6.97 31.28 -22.97
C VAL A 147 5.48 31.59 -23.10
N LEU A 148 5.08 32.81 -22.82
CA LEU A 148 3.73 33.22 -22.99
C LEU A 148 3.29 33.19 -24.47
N HIS A 149 4.20 33.53 -25.34
CA HIS A 149 3.97 33.39 -26.77
C HIS A 149 3.69 31.94 -27.13
N ILE A 150 4.46 31.02 -26.58
CA ILE A 150 4.21 29.59 -26.81
C ILE A 150 2.84 29.18 -26.29
N ALA A 151 2.54 29.57 -25.07
CA ALA A 151 1.28 29.18 -24.44
C ALA A 151 0.03 29.72 -25.10
N PHE A 152 0.00 31.02 -25.33
CA PHE A 152 -1.18 31.65 -25.90
C PHE A 152 -1.24 31.63 -27.42
N ASP A 153 -0.12 31.78 -28.11
CA ASP A 153 -0.17 31.95 -29.59
C ASP A 153 0.08 30.63 -30.29
N GLU A 154 1.00 29.84 -29.81
N GLU A 154 1.00 29.84 -29.81
CA GLU A 154 1.31 28.56 -30.45
CA GLU A 154 1.30 28.55 -30.45
C GLU A 154 0.39 27.44 -29.95
C GLU A 154 0.37 27.44 -29.95
N LEU A 155 0.22 27.30 -28.63
CA LEU A 155 -0.67 26.29 -28.12
C LEU A 155 -2.11 26.70 -28.03
N LYS A 156 -2.38 28.01 -28.20
CA LYS A 156 -3.76 28.52 -28.14
C LYS A 156 -4.47 28.24 -26.82
N LEU A 157 -3.78 28.40 -25.71
CA LEU A 157 -4.42 28.15 -24.42
C LEU A 157 -5.22 29.35 -23.95
N HIS A 158 -6.06 29.10 -22.95
CA HIS A 158 -6.93 30.12 -22.37
C HIS A 158 -6.34 30.76 -21.09
N ARG A 159 -5.63 30.00 -20.31
CA ARG A 159 -5.22 30.43 -18.99
C ARG A 159 -3.79 29.95 -18.70
N VAL A 160 -2.95 30.83 -18.16
CA VAL A 160 -1.60 30.46 -17.75
C VAL A 160 -1.44 30.83 -16.32
N THR A 161 -0.95 29.91 -15.48
CA THR A 161 -0.77 30.15 -14.08
C THR A 161 0.72 30.18 -13.72
N LEU A 162 1.02 30.61 -12.51
CA LEU A 162 2.36 30.71 -12.00
C LEU A 162 2.27 30.82 -10.49
N GLY A 163 3.25 30.26 -9.78
CA GLY A 163 3.29 30.41 -8.29
C GLY A 163 4.57 31.16 -7.92
N VAL A 164 4.54 32.03 -6.93
CA VAL A 164 5.73 32.66 -6.45
C VAL A 164 5.59 32.86 -4.92
N TYR A 165 6.65 32.51 -4.21
CA TYR A 165 6.64 32.70 -2.74
C TYR A 165 6.58 34.16 -2.37
N ASP A 166 5.86 34.45 -1.28
CA ASP A 166 5.47 35.85 -0.97
C ASP A 166 6.61 36.78 -0.60
N PHE A 167 7.74 36.22 -0.19
CA PHE A 167 8.94 37.01 0.08
C PHE A 167 9.68 37.41 -1.18
N ASN A 168 9.36 36.87 -2.35
CA ASN A 168 10.05 37.25 -3.57
CA ASN A 168 10.08 37.23 -3.56
C ASN A 168 9.32 38.41 -4.26
N THR A 169 9.31 39.55 -3.59
CA THR A 169 8.56 40.71 -3.98
C THR A 169 9.06 41.38 -5.27
N SER A 170 10.34 41.26 -5.61
N SER A 170 10.33 41.25 -5.61
CA SER A 170 10.77 41.85 -6.90
CA SER A 170 10.80 41.81 -6.88
C SER A 170 10.32 40.96 -8.06
C SER A 170 10.31 40.97 -8.06
N ALA A 171 10.31 39.64 -7.90
CA ALA A 171 9.73 38.81 -8.96
C ALA A 171 8.24 39.10 -9.10
N ILE A 172 7.56 39.27 -8.00
CA ILE A 172 6.11 39.48 -8.04
C ILE A 172 5.84 40.78 -8.80
N SER A 173 6.61 41.85 -8.55
CA SER A 173 6.37 43.13 -9.27
C SER A 173 6.60 42.98 -10.76
N CME A 174 7.66 42.29 -11.11
CA CME A 174 7.95 42.00 -12.51
CB CME A 174 9.29 41.24 -12.54
SG CME A 174 9.87 41.04 -14.17
SD CME A 174 9.82 39.03 -14.53
CE CME A 174 11.43 38.49 -13.95
CZ CME A 174 11.46 36.94 -13.91
OH CME A 174 12.12 36.33 -12.80
C CME A 174 6.78 41.25 -13.20
O CME A 174 6.30 41.60 -14.27
N TYR A 175 6.28 40.22 -12.54
CA TYR A 175 5.16 39.45 -13.09
C TYR A 175 3.86 40.27 -13.23
N GLU A 176 3.61 41.14 -12.25
CA GLU A 176 2.48 42.03 -12.36
C GLU A 176 2.65 43.01 -13.51
N LYS A 177 3.86 43.49 -13.74
CA LYS A 177 4.11 44.45 -14.85
C LYS A 177 3.88 43.76 -16.21
N ILE A 178 4.25 42.48 -16.31
CA ILE A 178 4.03 41.72 -17.51
C ILE A 178 2.53 41.47 -17.73
N GLY A 179 1.71 41.55 -16.69
CA GLY A 179 0.28 41.28 -16.80
C GLY A 179 -0.33 40.19 -15.92
N PHE A 180 0.46 39.49 -15.16
CA PHE A 180 -0.12 38.49 -14.22
C PHE A 180 -0.84 39.21 -13.12
N VAL A 181 -1.90 38.57 -12.65
CA VAL A 181 -2.77 39.04 -11.63
C VAL A 181 -2.68 38.06 -10.46
N LYS A 182 -2.60 38.60 -9.26
CA LYS A 182 -2.66 37.76 -8.05
C LYS A 182 -4.08 37.22 -7.91
N GLU A 183 -4.23 35.93 -7.79
CA GLU A 183 -5.50 35.33 -7.48
C GLU A 183 -5.70 35.10 -5.95
N GLY A 184 -4.64 34.68 -5.27
CA GLY A 184 -4.76 34.43 -3.85
C GLY A 184 -3.49 33.88 -3.26
N LEU A 185 -3.42 33.98 -1.96
CA LEU A 185 -2.25 33.54 -1.22
C LEU A 185 -2.54 32.15 -0.62
N LEU A 186 -1.75 31.17 -1.00
CA LEU A 186 -1.90 29.79 -0.47
C LEU A 186 -1.13 29.75 0.82
N ARG A 187 -1.84 29.82 1.93
CA ARG A 187 -1.22 30.01 3.24
C ARG A 187 -0.48 28.77 3.72
N GLU A 188 0.77 28.96 4.08
CA GLU A 188 1.57 27.93 4.73
C GLU A 188 1.55 26.59 3.98
N SER A 189 1.71 26.71 2.67
CA SER A 189 1.52 25.57 1.77
C SER A 189 2.77 24.81 1.41
N LYS A 190 3.97 25.33 1.73
CA LYS A 190 5.21 24.59 1.53
C LYS A 190 5.94 24.50 2.84
N ARG A 191 6.23 23.32 3.30
CA ARG A 191 7.05 23.22 4.49
C ARG A 191 8.53 23.29 4.14
N VAL A 192 9.27 24.06 4.92
CA VAL A 192 10.73 24.28 4.72
C VAL A 192 11.33 24.30 6.12
N GLY A 193 12.03 23.22 6.44
CA GLY A 193 12.45 22.92 7.80
C GLY A 193 11.33 22.94 8.81
N GLU A 194 11.46 23.86 9.73
CA GLU A 194 10.51 24.06 10.79
C GLU A 194 9.46 25.14 10.47
N THR A 195 9.50 25.73 9.30
CA THR A 195 8.54 26.79 9.01
C THR A 195 7.75 26.41 7.73
N TYR A 196 6.80 27.24 7.38
CA TYR A 196 6.02 27.09 6.16
C TYR A 196 6.17 28.36 5.37
N TRP A 197 6.21 28.27 4.05
CA TRP A 197 6.10 29.42 3.17
C TRP A 197 4.71 29.54 2.57
N ASN A 198 4.38 30.73 2.22
CA ASN A 198 3.13 31.13 1.60
C ASN A 198 3.41 31.38 0.10
N LEU A 199 2.51 30.85 -0.74
CA LEU A 199 2.69 30.94 -2.20
C LEU A 199 1.61 31.80 -2.80
N TRP A 200 1.96 32.83 -3.57
CA TRP A 200 0.98 33.55 -4.38
C TRP A 200 0.65 32.80 -5.67
N GLU A 201 -0.61 32.48 -5.85
CA GLU A 201 -1.11 31.91 -7.10
C GLU A 201 -1.46 33.13 -8.00
N MSE A 202 -0.88 33.14 -9.20
CA MSE A 202 -1.02 34.26 -10.14
C MSE A 202 -1.46 33.69 -11.47
O MSE A 202 -1.22 32.49 -11.73
CB MSE A 202 0.23 35.08 -10.33
CG MSE A 202 0.75 35.59 -8.98
SE MSE A 202 2.34 36.75 -9.27
CE MSE A 202 1.31 38.31 -9.98
N SER A 203 -2.18 34.48 -12.26
CA SER A 203 -2.64 33.99 -13.59
C SER A 203 -2.72 35.09 -14.62
N MSE A 204 -2.75 34.69 -15.88
CA MSE A 204 -3.13 35.48 -17.03
C MSE A 204 -4.07 34.72 -17.89
O MSE A 204 -3.88 33.54 -18.13
CB MSE A 204 -1.85 35.85 -17.75
CG MSE A 204 -2.08 36.97 -18.65
SE MSE A 204 -0.38 37.51 -19.57
CE MSE A 204 0.72 37.81 -18.20
N LEU A 205 -5.13 35.39 -18.32
CA LEU A 205 -6.06 34.85 -19.21
C LEU A 205 -5.76 35.35 -20.63
N GLU A 206 -6.26 34.63 -21.64
CA GLU A 206 -5.87 34.99 -23.05
C GLU A 206 -6.35 36.43 -23.44
N TYR A 207 -7.42 36.93 -22.84
CA TYR A 207 -7.82 38.31 -23.19
C TYR A 207 -6.99 39.39 -22.51
N GLU A 208 -6.11 38.99 -21.57
CA GLU A 208 -5.14 39.87 -20.97
C GLU A 208 -3.81 39.89 -21.71
N TRP A 209 -3.60 38.91 -22.56
CA TRP A 209 -2.38 38.78 -23.34
C TRP A 209 -2.60 39.52 -24.67
N LYS A 210 -3.72 39.26 -25.32
CA LYS A 210 -3.98 39.79 -26.62
C LYS A 210 -5.41 40.30 -26.61
N LYS A 211 -5.48 41.60 -26.85
CA LYS A 211 -6.53 42.10 -27.78
C LYS A 211 -5.92 43.18 -28.68
N VAL B 43 -24.22 11.08 14.45
CA VAL B 43 -25.18 10.85 13.35
C VAL B 43 -24.51 10.07 12.16
N ILE B 44 -23.26 10.33 11.79
CA ILE B 44 -22.64 9.62 10.63
C ILE B 44 -21.26 9.10 10.97
N LYS B 45 -20.82 8.05 10.29
CA LYS B 45 -19.40 7.68 10.33
C LYS B 45 -18.84 7.47 8.93
N LEU B 46 -17.56 7.68 8.80
CA LEU B 46 -16.88 7.49 7.54
C LEU B 46 -16.28 6.12 7.53
N GLU B 47 -16.46 5.39 6.45
CA GLU B 47 -15.82 4.05 6.30
C GLU B 47 -15.22 3.95 4.92
N SER B 48 -14.20 3.11 4.79
CA SER B 48 -13.60 2.81 3.48
C SER B 48 -14.61 2.45 2.38
N PHE B 49 -14.55 3.22 1.30
CA PHE B 49 -15.37 3.00 0.12
C PHE B 49 -14.90 1.73 -0.63
N LYS B 50 -15.84 0.83 -0.98
CA LYS B 50 -15.49 -0.47 -1.59
C LYS B 50 -16.22 -0.69 -2.87
N LYS B 51 -15.87 -1.77 -3.55
CA LYS B 51 -16.53 -2.17 -4.84
C LYS B 51 -18.03 -2.32 -4.69
N SER B 52 -18.49 -2.77 -3.53
CA SER B 52 -19.91 -2.94 -3.32
C SER B 52 -20.67 -1.63 -3.17
N ASP B 53 -19.97 -0.49 -3.09
CA ASP B 53 -20.60 0.81 -3.07
C ASP B 53 -20.55 1.53 -4.43
N PHE B 54 -19.90 0.95 -5.42
CA PHE B 54 -19.70 1.61 -6.70
C PHE B 54 -21.01 1.88 -7.44
N LYS B 55 -21.88 0.90 -7.53
CA LYS B 55 -23.11 1.11 -8.36
C LYS B 55 -23.99 2.23 -7.77
N GLN B 56 -24.07 2.25 -6.45
CA GLN B 56 -24.79 3.31 -5.83
C GLN B 56 -24.26 4.75 -6.22
N LEU B 57 -22.92 4.91 -6.21
CA LEU B 57 -22.36 6.18 -6.52
C LEU B 57 -22.55 6.49 -8.00
N ILE B 58 -22.38 5.48 -8.86
CA ILE B 58 -22.60 5.69 -10.29
C ILE B 58 -24.04 6.19 -10.55
N ASN B 59 -25.01 5.63 -9.82
CA ASN B 59 -26.40 6.06 -9.93
C ASN B 59 -26.61 7.47 -9.39
N TRP B 60 -25.89 7.87 -8.38
CA TRP B 60 -26.03 9.23 -7.91
C TRP B 60 -25.51 10.26 -8.95
N ILE B 61 -24.51 9.93 -9.72
CA ILE B 61 -23.87 10.92 -10.62
C ILE B 61 -24.55 10.83 -12.01
N ASN B 62 -25.59 11.63 -12.18
CA ASN B 62 -26.47 11.52 -13.30
CA ASN B 62 -26.48 11.54 -13.30
C ASN B 62 -26.18 12.43 -14.47
N SER B 63 -25.22 13.34 -14.39
CA SER B 63 -24.92 14.16 -15.58
C SER B 63 -23.47 14.55 -15.50
N GLU B 64 -22.92 14.97 -16.61
CA GLU B 64 -21.55 15.46 -16.69
C GLU B 64 -21.38 16.74 -15.87
N GLU B 65 -22.29 17.69 -15.94
CA GLU B 65 -22.19 18.87 -15.10
C GLU B 65 -22.16 18.57 -13.61
N PHE B 66 -22.98 17.61 -13.20
CA PHE B 66 -22.95 17.22 -11.82
C PHE B 66 -21.63 16.47 -11.46
N LEU B 67 -21.11 15.66 -12.36
CA LEU B 67 -19.86 14.96 -12.15
C LEU B 67 -18.74 15.97 -11.92
N ILE B 68 -18.73 17.05 -12.70
CA ILE B 68 -17.74 18.08 -12.55
C ILE B 68 -17.91 18.84 -11.21
N GLN B 69 -19.12 19.19 -10.83
CA GLN B 69 -19.32 19.86 -9.54
C GLN B 69 -18.82 19.00 -8.43
N TRP B 70 -19.04 17.69 -8.53
CA TRP B 70 -18.65 16.77 -7.51
C TRP B 70 -17.16 16.49 -7.47
N SER B 71 -16.52 16.32 -8.62
CA SER B 71 -15.18 15.74 -8.63
C SER B 71 -14.19 16.48 -9.55
N GLY B 72 -14.59 17.56 -10.17
CA GLY B 72 -13.67 18.34 -10.98
C GLY B 72 -13.16 17.63 -12.25
N ASN B 73 -11.81 17.50 -12.32
CA ASN B 73 -11.14 16.81 -13.43
C ASN B 73 -10.83 15.35 -13.17
N ALA B 74 -11.27 14.80 -12.05
CA ALA B 74 -10.88 13.40 -11.72
C ALA B 74 -11.41 12.36 -12.74
N PHE B 75 -12.60 12.56 -13.25
CA PHE B 75 -13.30 11.50 -14.02
C PHE B 75 -13.83 12.00 -15.36
N THR B 76 -14.16 11.04 -16.20
CA THR B 76 -14.89 11.22 -17.48
C THR B 76 -16.27 10.68 -17.31
N PHE B 77 -17.27 11.42 -17.84
CA PHE B 77 -18.67 10.99 -17.82
C PHE B 77 -18.96 9.98 -18.89
N PRO B 78 -19.70 8.89 -18.59
CA PRO B 78 -20.24 8.57 -17.30
C PRO B 78 -19.25 7.89 -16.41
N LEU B 79 -19.49 7.98 -15.12
CA LEU B 79 -18.73 7.31 -14.12
C LEU B 79 -18.97 5.81 -14.28
N ASP B 80 -17.93 5.00 -14.07
CA ASP B 80 -18.06 3.53 -14.26
C ASP B 80 -17.09 2.82 -13.32
N GLU B 81 -17.16 1.53 -13.31
CA GLU B 81 -16.45 0.72 -12.33
C GLU B 81 -14.95 0.75 -12.55
N GLN B 82 -14.51 0.82 -13.80
CA GLN B 82 -13.07 0.89 -14.09
C GLN B 82 -12.44 2.18 -13.50
N GLN B 83 -13.10 3.32 -13.67
CA GLN B 83 -12.63 4.57 -13.11
C GLN B 83 -12.62 4.52 -11.59
N LEU B 84 -13.61 3.91 -10.98
CA LEU B 84 -13.68 3.79 -9.51
C LEU B 84 -12.65 2.89 -8.94
N GLU B 85 -12.34 1.84 -9.66
CA GLU B 85 -11.29 0.91 -9.21
C GLU B 85 -9.94 1.65 -9.19
N LYS B 86 -9.68 2.43 -10.21
CA LYS B 86 -8.47 3.20 -10.27
C LYS B 86 -8.41 4.27 -9.14
N TYR B 87 -9.55 4.89 -8.88
CA TYR B 87 -9.70 5.84 -7.78
C TYR B 87 -9.36 5.21 -6.45
N ILE B 88 -9.95 4.06 -6.10
CA ILE B 88 -9.64 3.50 -4.80
C ILE B 88 -8.19 2.98 -4.67
N GLU B 89 -7.52 2.73 -5.78
CA GLU B 89 -6.11 2.37 -5.76
C GLU B 89 -5.14 3.55 -5.92
N SER B 90 -5.64 4.77 -6.09
N SER B 90 -5.64 4.77 -6.07
CA SER B 90 -4.74 5.90 -6.31
CA SER B 90 -4.75 5.92 -6.28
C SER B 90 -3.90 6.22 -5.06
C SER B 90 -3.90 6.22 -5.06
N ALA B 91 -2.67 6.64 -5.31
CA ALA B 91 -1.75 6.98 -4.24
C ALA B 91 -2.29 8.26 -3.53
N ASN B 92 -2.02 8.32 -2.24
CA ASN B 92 -2.25 9.49 -1.44
C ASN B 92 -3.73 9.84 -1.34
N THR B 93 -4.63 8.86 -1.42
CA THR B 93 -6.06 9.08 -1.44
C THR B 93 -6.82 8.19 -0.46
N LEU B 94 -7.71 8.79 0.33
CA LEU B 94 -8.64 8.03 1.15
C LEU B 94 -10.02 8.29 0.62
N ALA B 95 -10.72 7.23 0.23
CA ALA B 95 -12.09 7.33 -0.24
C ALA B 95 -13.07 6.82 0.79
N PHE B 96 -14.06 7.64 1.13
CA PHE B 96 -15.05 7.26 2.14
C PHE B 96 -16.49 7.21 1.68
N LYS B 97 -17.16 6.13 2.06
CA LYS B 97 -18.63 6.15 2.13
C LYS B 97 -19.08 6.77 3.47
N VAL B 98 -20.18 7.48 3.42
CA VAL B 98 -20.74 8.13 4.59
C VAL B 98 -21.96 7.30 5.01
N VAL B 99 -21.89 6.79 6.26
CA VAL B 99 -22.85 5.80 6.75
C VAL B 99 -23.64 6.43 7.86
N ASP B 100 -24.95 6.37 7.73
CA ASP B 100 -25.89 6.76 8.80
C ASP B 100 -25.79 5.76 9.95
N GLU B 101 -25.39 6.25 11.13
CA GLU B 101 -25.28 5.37 12.29
C GLU B 101 -26.59 4.67 12.68
N GLU B 102 -27.70 5.39 12.58
CA GLU B 102 -28.99 4.77 12.92
C GLU B 102 -29.39 3.60 12.03
N THR B 103 -29.44 3.82 10.73
CA THR B 103 -29.97 2.80 9.81
C THR B 103 -28.91 1.95 9.17
N SER B 104 -27.65 2.36 9.25
CA SER B 104 -26.57 1.70 8.52
C SER B 104 -26.62 1.95 6.98
N ASP B 105 -27.49 2.81 6.48
CA ASP B 105 -27.52 3.12 5.09
C ASP B 105 -26.35 3.98 4.66
N VAL B 106 -25.90 3.76 3.44
CA VAL B 106 -24.92 4.64 2.86
C VAL B 106 -25.63 5.86 2.28
N ILE B 107 -25.29 7.06 2.77
CA ILE B 107 -25.96 8.29 2.34
C ILE B 107 -25.08 9.35 1.62
N GLY B 108 -23.82 9.04 1.37
CA GLY B 108 -22.97 10.01 0.69
C GLY B 108 -21.57 9.51 0.47
N HIS B 109 -20.73 10.46 0.12
CA HIS B 109 -19.37 10.18 -0.24
C HIS B 109 -18.53 11.34 0.11
N ILE B 110 -17.27 11.06 0.48
CA ILE B 110 -16.31 12.16 0.66
C ILE B 110 -14.90 11.61 0.59
N SER B 111 -13.93 12.45 0.21
CA SER B 111 -12.56 11.98 0.02
C SER B 111 -11.54 12.92 0.60
N LEU B 112 -10.44 12.34 1.08
CA LEU B 112 -9.26 13.13 1.42
C LEU B 112 -8.16 12.70 0.49
N GLY B 113 -7.74 13.60 -0.41
CA GLY B 113 -6.81 13.31 -1.50
C GLY B 113 -5.62 14.18 -1.40
N GLN B 114 -4.64 13.88 -2.30
CA GLN B 114 -3.35 14.57 -2.30
C GLN B 114 -2.71 14.68 -0.90
N ILE B 115 -2.79 13.60 -0.14
CA ILE B 115 -2.25 13.57 1.16
C ILE B 115 -0.67 13.63 0.99
N ASP B 116 -0.08 14.68 1.52
CA ASP B 116 1.27 15.07 1.25
C ASP B 116 2.03 15.14 2.56
N ASN B 117 2.85 14.17 2.82
CA ASN B 117 3.59 14.04 4.04
C ASN B 117 4.75 14.99 4.22
N ILE B 118 5.25 15.55 3.14
CA ILE B 118 6.34 16.55 3.23
C ILE B 118 5.71 17.89 3.67
N ASN B 119 4.66 18.34 2.98
CA ASN B 119 4.05 19.59 3.30
C ASN B 119 2.99 19.55 4.39
N LYS B 120 2.63 18.33 4.81
CA LYS B 120 1.58 18.11 5.79
C LYS B 120 0.28 18.72 5.39
N SER B 121 -0.17 18.36 4.20
CA SER B 121 -1.36 18.87 3.66
C SER B 121 -2.18 17.80 2.95
N ALA B 122 -3.47 18.09 2.76
CA ALA B 122 -4.38 17.27 2.01
C ALA B 122 -5.52 18.10 1.45
N ARG B 123 -6.30 17.51 0.55
CA ARG B 123 -7.42 18.20 -0.10
C ARG B 123 -8.69 17.38 0.08
N ILE B 124 -9.71 18.00 0.66
CA ILE B 124 -11.05 17.43 0.71
C ILE B 124 -11.70 17.60 -0.65
N GLY B 125 -12.34 16.55 -1.13
CA GLY B 125 -13.08 16.61 -2.40
C GLY B 125 -14.07 15.47 -2.54
N LYS B 126 -14.71 15.42 -3.70
CA LYS B 126 -15.72 14.39 -4.02
C LYS B 126 -16.80 14.36 -2.89
N VAL B 127 -17.24 15.56 -2.49
CA VAL B 127 -18.16 15.69 -1.38
C VAL B 127 -19.58 15.51 -1.95
N LEU B 128 -20.29 14.47 -1.53
CA LEU B 128 -21.63 14.22 -2.02
C LEU B 128 -22.55 13.85 -0.85
N VAL B 129 -23.65 14.56 -0.68
CA VAL B 129 -24.74 14.17 0.26
C VAL B 129 -25.85 13.46 -0.50
N SER B 138 -27.12 19.81 7.33
CA SER B 138 -26.83 19.15 8.57
C SER B 138 -25.79 17.99 8.34
N ILE B 139 -26.18 17.07 7.46
CA ILE B 139 -25.39 15.91 7.14
C ILE B 139 -24.06 16.38 6.57
N GLY B 140 -24.08 17.35 5.69
CA GLY B 140 -22.86 17.93 5.10
C GLY B 140 -21.86 18.45 6.13
N LYS B 141 -22.37 19.18 7.12
CA LYS B 141 -21.54 19.60 8.23
C LYS B 141 -20.95 18.43 9.00
N HIS B 142 -21.75 17.42 9.31
CA HIS B 142 -21.22 16.28 10.03
C HIS B 142 -20.10 15.58 9.24
N MSE B 143 -20.30 15.47 7.91
CA MSE B 143 -19.31 14.85 7.05
C MSE B 143 -18.02 15.63 7.05
O MSE B 143 -16.93 15.05 7.17
CB MSE B 143 -19.83 14.76 5.62
CG MSE B 143 -20.99 13.76 5.50
SE MSE B 143 -21.86 13.89 3.70
CE MSE B 143 -20.28 14.16 2.62
N MSE B 144 -18.14 16.95 6.92
CA MSE B 144 -16.93 17.79 6.94
C MSE B 144 -16.19 17.66 8.24
O MSE B 144 -14.96 17.51 8.26
CB MSE B 144 -17.21 19.30 6.71
CG MSE B 144 -17.83 19.50 5.36
SE MSE B 144 -16.61 19.04 3.86
CE MSE B 144 -15.23 20.34 4.16
N LYS B 145 -16.91 17.73 9.35
CA LYS B 145 -16.24 17.63 10.65
C LYS B 145 -15.59 16.25 10.85
N ALA B 146 -16.22 15.17 10.40
CA ALA B 146 -15.60 13.87 10.51
C ALA B 146 -14.28 13.82 9.71
N VAL B 147 -14.21 14.41 8.46
CA VAL B 147 -12.98 14.31 7.68
CA VAL B 147 -12.99 14.31 7.66
C VAL B 147 -11.90 15.21 8.24
N LEU B 148 -12.31 16.35 8.76
CA LEU B 148 -11.40 17.24 9.41
C LEU B 148 -10.78 16.63 10.67
N HIS B 149 -11.57 15.86 11.39
CA HIS B 149 -11.05 15.11 12.52
C HIS B 149 -9.97 14.13 12.09
N ILE B 150 -10.17 13.45 10.97
CA ILE B 150 -9.14 12.54 10.46
C ILE B 150 -7.91 13.31 10.06
N ALA B 151 -8.08 14.40 9.32
CA ALA B 151 -6.98 15.16 8.83
C ALA B 151 -6.14 15.80 9.90
N PHE B 152 -6.77 16.50 10.81
CA PHE B 152 -6.03 17.24 11.85
C PHE B 152 -5.67 16.45 13.07
N ASP B 153 -6.58 15.59 13.52
CA ASP B 153 -6.35 14.91 14.83
C ASP B 153 -5.72 13.56 14.64
N GLU B 154 -6.05 12.82 13.59
CA GLU B 154 -5.45 11.53 13.35
C GLU B 154 -4.22 11.62 12.50
N LEU B 155 -4.28 12.26 11.30
CA LEU B 155 -3.11 12.37 10.46
C LEU B 155 -2.19 13.46 10.82
N LYS B 156 -2.61 14.38 11.75
CA LYS B 156 -1.75 15.45 12.24
C LYS B 156 -1.29 16.37 11.11
N LEU B 157 -2.19 16.69 10.18
CA LEU B 157 -1.81 17.59 9.10
C LEU B 157 -1.81 19.05 9.55
N HIS B 158 -1.13 19.87 8.76
CA HIS B 158 -1.10 21.31 8.98
C HIS B 158 -2.15 22.10 8.21
N ARG B 159 -2.46 21.65 6.99
CA ARG B 159 -3.31 22.41 6.09
C ARG B 159 -4.25 21.48 5.35
N VAL B 160 -5.49 21.89 5.22
CA VAL B 160 -6.48 21.16 4.40
C VAL B 160 -7.06 22.13 3.43
N THR B 161 -7.14 21.74 2.16
CA THR B 161 -7.68 22.64 1.13
C THR B 161 -8.98 22.03 0.57
N LEU B 162 -9.73 22.85 -0.15
CA LEU B 162 -10.96 22.46 -0.76
C LEU B 162 -11.28 23.42 -1.90
N GLY B 163 -11.94 22.95 -2.94
CA GLY B 163 -12.35 23.82 -4.04
C GLY B 163 -13.88 23.80 -4.19
N VAL B 164 -14.50 24.93 -4.51
CA VAL B 164 -15.91 24.96 -4.75
CA VAL B 164 -15.91 24.99 -4.72
C VAL B 164 -16.16 26.02 -5.82
N TYR B 165 -16.97 25.66 -6.81
CA TYR B 165 -17.27 26.61 -7.90
C TYR B 165 -18.09 27.79 -7.37
N ASP B 166 -17.84 28.96 -7.95
CA ASP B 166 -18.29 30.22 -7.34
C ASP B 166 -19.81 30.43 -7.33
N PHE B 167 -20.51 29.72 -8.21
CA PHE B 167 -22.01 29.74 -8.21
C PHE B 167 -22.62 28.94 -7.08
N ASN B 168 -21.86 28.07 -6.37
CA ASN B 168 -22.44 27.27 -5.31
C ASN B 168 -22.28 28.00 -3.97
N THR B 169 -22.99 29.12 -3.87
CA THR B 169 -22.89 30.07 -2.77
C THR B 169 -23.44 29.50 -1.45
N SER B 170 -24.36 28.55 -1.47
CA SER B 170 -24.82 27.93 -0.23
CA SER B 170 -24.81 27.94 -0.21
C SER B 170 -23.78 26.99 0.34
N ALA B 171 -23.10 26.24 -0.52
CA ALA B 171 -22.01 25.39 -0.01
C ALA B 171 -20.90 26.28 0.52
N ILE B 172 -20.61 27.38 -0.17
CA ILE B 172 -19.56 28.26 0.26
C ILE B 172 -19.84 28.77 1.66
N SER B 173 -21.08 29.20 1.92
CA SER B 173 -21.44 29.72 3.27
C SER B 173 -21.30 28.70 4.34
N CME B 174 -21.75 27.51 4.04
CA CME B 174 -21.64 26.38 4.98
CB CME B 174 -22.36 25.20 4.36
SG CME B 174 -22.44 23.83 5.44
SD CME B 174 -21.20 22.39 4.67
CE CME B 174 -22.40 21.52 3.70
CZ CME B 174 -21.71 20.65 2.66
OH CME B 174 -21.88 21.38 1.45
C CME B 174 -20.14 26.12 5.32
O CME B 174 -19.73 25.98 6.49
N TYR B 175 -19.29 26.06 4.31
CA TYR B 175 -17.87 25.83 4.52
C TYR B 175 -17.20 26.98 5.33
N GLU B 176 -17.61 28.24 5.08
CA GLU B 176 -17.12 29.32 5.85
C GLU B 176 -17.58 29.23 7.31
N LYS B 177 -18.78 28.77 7.55
CA LYS B 177 -19.26 28.59 8.95
C LYS B 177 -18.48 27.51 9.70
N ILE B 178 -18.11 26.46 9.00
N ILE B 178 -18.11 26.46 9.01
CA ILE B 178 -17.28 25.39 9.58
CA ILE B 178 -17.27 25.39 9.57
C ILE B 178 -15.87 25.91 9.86
C ILE B 178 -15.87 25.90 9.85
N GLY B 179 -15.42 26.99 9.21
CA GLY B 179 -14.11 27.51 9.43
C GLY B 179 -13.17 27.65 8.21
N PHE B 180 -13.59 27.19 7.03
CA PHE B 180 -12.76 27.40 5.85
C PHE B 180 -12.72 28.87 5.50
N VAL B 181 -11.57 29.29 4.99
CA VAL B 181 -11.29 30.64 4.60
C VAL B 181 -11.05 30.64 3.09
N LYS B 182 -11.64 31.56 2.38
CA LYS B 182 -11.36 31.76 0.95
C LYS B 182 -9.91 32.26 0.79
N GLU B 183 -9.13 31.60 -0.03
CA GLU B 183 -7.83 32.11 -0.37
C GLU B 183 -7.83 32.93 -1.69
N GLY B 184 -8.52 32.45 -2.70
CA GLY B 184 -8.54 33.09 -3.96
C GLY B 184 -9.44 32.41 -4.98
N LEU B 185 -9.82 33.19 -5.98
CA LEU B 185 -10.69 32.74 -7.01
C LEU B 185 -9.84 32.42 -8.27
N LEU B 186 -9.88 31.16 -8.68
CA LEU B 186 -9.14 30.69 -9.85
C LEU B 186 -10.04 30.95 -11.03
N ARG B 187 -9.76 32.01 -11.75
CA ARG B 187 -10.65 32.54 -12.79
C ARG B 187 -10.62 31.62 -14.03
N GLU B 188 -11.79 31.25 -14.47
CA GLU B 188 -11.96 30.53 -15.73
C GLU B 188 -11.07 29.27 -15.81
N SER B 189 -11.05 28.54 -14.71
CA SER B 189 -10.15 27.43 -14.54
C SER B 189 -10.68 26.06 -14.96
N LYS B 190 -12.00 25.91 -15.11
CA LYS B 190 -12.62 24.69 -15.52
C LYS B 190 -13.43 24.93 -16.77
N ARG B 191 -13.10 24.24 -17.83
CA ARG B 191 -13.91 24.35 -19.05
C ARG B 191 -15.08 23.39 -18.94
N VAL B 192 -16.27 23.86 -19.28
CA VAL B 192 -17.51 23.04 -19.22
C VAL B 192 -18.29 23.40 -20.46
N GLY B 193 -18.33 22.47 -21.40
CA GLY B 193 -18.74 22.76 -22.78
C GLY B 193 -17.98 23.89 -23.39
N GLU B 194 -18.74 24.89 -23.74
CA GLU B 194 -18.29 26.11 -24.35
C GLU B 194 -18.06 27.23 -23.33
N THR B 195 -18.22 26.98 -22.03
CA THR B 195 -18.00 28.08 -21.07
C THR B 195 -16.92 27.69 -20.06
N TYR B 196 -16.59 28.62 -19.16
CA TYR B 196 -15.63 28.35 -18.12
C TYR B 196 -16.27 28.65 -16.79
N TRP B 197 -15.93 27.87 -15.78
CA TRP B 197 -16.31 28.15 -14.40
C TRP B 197 -15.10 28.63 -13.62
N ASN B 198 -15.39 29.29 -12.53
CA ASN B 198 -14.39 29.86 -11.64
C ASN B 198 -14.43 29.02 -10.34
N LEU B 199 -13.28 28.74 -9.78
CA LEU B 199 -13.18 27.89 -8.59
C LEU B 199 -12.66 28.71 -7.43
N TRP B 200 -13.39 28.72 -6.30
CA TRP B 200 -12.83 29.22 -5.03
C TRP B 200 -11.92 28.22 -4.39
N GLU B 201 -10.67 28.56 -4.18
CA GLU B 201 -9.76 27.78 -3.39
C GLU B 201 -9.91 28.25 -1.95
N MSE B 202 -10.19 27.29 -1.07
CA MSE B 202 -10.45 27.55 0.36
C MSE B 202 -9.53 26.67 1.18
O MSE B 202 -9.03 25.67 0.68
CB MSE B 202 -11.89 27.27 0.76
CG MSE B 202 -12.84 28.05 -0.10
SE MSE B 202 -14.68 27.76 0.48
CE MSE B 202 -14.57 28.93 2.09
N SER B 203 -9.25 27.07 2.43
CA SER B 203 -8.34 26.27 3.26
C SER B 203 -8.68 26.46 4.76
N MSE B 204 -8.25 25.47 5.51
CA MSE B 204 -8.15 25.52 6.97
C MSE B 204 -6.77 25.08 7.39
O MSE B 204 -6.27 24.11 6.89
CB MSE B 204 -9.22 24.65 7.51
CG MSE B 204 -9.50 25.07 8.91
SE MSE B 204 -10.93 24.02 9.79
CE MSE B 204 -12.29 24.35 8.57
N LEU B 205 -6.19 25.85 8.30
CA LEU B 205 -4.95 25.49 8.91
C LEU B 205 -5.24 24.84 10.26
N GLU B 206 -4.31 24.08 10.76
CA GLU B 206 -4.58 23.26 12.01
C GLU B 206 -4.94 24.12 13.23
N TYR B 207 -4.40 25.31 13.29
CA TYR B 207 -4.68 26.25 14.40
C TYR B 207 -6.05 26.94 14.27
N GLU B 208 -6.75 26.74 13.13
CA GLU B 208 -8.09 27.21 12.95
C GLU B 208 -9.10 26.14 13.25
N TRP B 209 -8.68 24.92 13.41
CA TRP B 209 -9.57 23.79 13.74
C TRP B 209 -9.75 23.66 15.28
N LYS B 210 -10.96 23.62 15.78
CA LYS B 210 -11.12 23.08 17.19
C LYS B 210 -12.01 21.82 17.24
N LYS B 211 -13.31 22.02 16.98
CA LYS B 211 -14.26 20.96 16.63
C LYS B 211 -15.24 21.67 15.65
N LEU C 42 20.10 5.88 18.48
CA LEU C 42 18.66 5.53 18.37
C LEU C 42 18.07 6.44 17.31
N VAL C 43 17.75 5.85 16.16
CA VAL C 43 17.14 6.55 15.01
C VAL C 43 15.57 6.37 15.02
N ILE C 44 15.08 5.21 15.46
CA ILE C 44 13.63 4.94 15.52
C ILE C 44 13.30 4.30 16.85
N LYS C 45 12.02 4.40 17.27
CA LYS C 45 11.52 3.57 18.33
C LYS C 45 10.23 2.89 17.93
N LEU C 46 9.97 1.72 18.51
CA LEU C 46 8.72 1.05 18.26
C LEU C 46 7.75 1.44 19.34
N GLU C 47 6.51 1.74 18.98
CA GLU C 47 5.43 1.89 19.97
C GLU C 47 4.22 1.10 19.53
N SER C 48 3.32 0.85 20.46
N SER C 48 3.30 0.90 20.45
CA SER C 48 2.08 0.12 20.15
CA SER C 48 2.09 0.12 20.16
C SER C 48 1.23 0.84 19.11
C SER C 48 1.24 0.84 19.11
N PHE C 49 0.85 0.12 18.07
CA PHE C 49 -0.02 0.63 17.01
C PHE C 49 -1.46 0.71 17.53
N LYS C 50 -2.12 1.85 17.39
CA LYS C 50 -3.45 2.10 17.99
C LYS C 50 -4.41 2.63 16.96
N LYS C 51 -5.69 2.79 17.36
CA LYS C 51 -6.70 3.29 16.46
C LYS C 51 -6.39 4.64 15.81
N SER C 52 -5.70 5.48 16.51
CA SER C 52 -5.36 6.79 15.97
C SER C 52 -4.26 6.72 14.87
N ASP C 53 -3.66 5.53 14.66
CA ASP C 53 -2.70 5.29 13.60
C ASP C 53 -3.32 4.62 12.36
N PHE C 54 -4.59 4.22 12.44
CA PHE C 54 -5.22 3.39 11.40
C PHE C 54 -5.28 4.12 10.05
N LYS C 55 -5.75 5.36 10.04
CA LYS C 55 -5.94 6.03 8.74
C LYS C 55 -4.62 6.22 8.01
N GLN C 56 -3.59 6.56 8.74
CA GLN C 56 -2.30 6.63 8.14
C GLN C 56 -1.86 5.35 7.39
N LEU C 57 -2.04 4.17 8.05
CA LEU C 57 -1.68 2.94 7.41
C LEU C 57 -2.57 2.65 6.26
N ILE C 58 -3.86 2.92 6.39
CA ILE C 58 -4.79 2.70 5.30
C ILE C 58 -4.36 3.48 4.04
N ASN C 59 -3.91 4.72 4.26
CA ASN C 59 -3.39 5.56 3.16
C ASN C 59 -2.09 5.01 2.57
N TRP C 60 -1.23 4.46 3.43
CA TRP C 60 0.02 3.93 2.88
C TRP C 60 -0.22 2.67 2.01
N ILE C 61 -1.26 1.88 2.33
CA ILE C 61 -1.51 0.64 1.64
C ILE C 61 -2.54 0.94 0.57
N ASN C 62 -2.01 1.47 -0.55
CA ASN C 62 -2.91 2.10 -1.51
C ASN C 62 -3.41 1.15 -2.61
N SER C 63 -2.89 -0.08 -2.73
CA SER C 63 -3.36 -0.94 -3.75
C SER C 63 -3.38 -2.38 -3.21
N GLU C 64 -4.16 -3.21 -3.88
CA GLU C 64 -4.27 -4.62 -3.55
C GLU C 64 -2.92 -5.35 -3.64
N GLU C 65 -2.18 -5.13 -4.75
CA GLU C 65 -0.90 -5.80 -4.86
C GLU C 65 0.06 -5.39 -3.76
N PHE C 66 0.08 -4.13 -3.42
CA PHE C 66 0.94 -3.70 -2.35
C PHE C 66 0.46 -4.26 -0.97
N LEU C 67 -0.85 -4.40 -0.75
CA LEU C 67 -1.36 -4.98 0.45
C LEU C 67 -0.81 -6.41 0.64
N ILE C 68 -0.81 -7.15 -0.46
CA ILE C 68 -0.32 -8.50 -0.44
C ILE C 68 1.21 -8.54 -0.19
N GLN C 69 1.97 -7.68 -0.87
CA GLN C 69 3.41 -7.64 -0.59
C GLN C 69 3.69 -7.37 0.85
N TRP C 70 2.90 -6.49 1.45
CA TRP C 70 3.09 -6.10 2.81
C TRP C 70 2.66 -7.14 3.83
N SER C 71 1.52 -7.78 3.61
CA SER C 71 0.87 -8.51 4.66
C SER C 71 0.40 -9.89 4.26
N GLY C 72 0.62 -10.31 3.00
CA GLY C 72 0.23 -11.63 2.58
C GLY C 72 -1.27 -11.91 2.58
N ASN C 73 -1.72 -12.92 3.36
CA ASN C 73 -3.16 -13.24 3.47
C ASN C 73 -3.86 -12.65 4.64
N ALA C 74 -3.20 -11.80 5.39
CA ALA C 74 -3.78 -11.29 6.63
C ALA C 74 -5.05 -10.45 6.41
N PHE C 75 -5.11 -9.70 5.30
CA PHE C 75 -6.18 -8.74 5.12
C PHE C 75 -6.81 -8.85 3.69
N THR C 76 -7.91 -8.10 3.49
CA THR C 76 -8.52 -7.88 2.20
C THR C 76 -8.43 -6.37 1.89
N PHE C 77 -8.29 -6.04 0.62
CA PHE C 77 -8.15 -4.70 0.12
C PHE C 77 -9.50 -4.13 -0.21
N PRO C 78 -9.81 -2.90 0.18
CA PRO C 78 -8.94 -2.03 0.97
C PRO C 78 -9.04 -2.32 2.44
N LEU C 79 -8.01 -1.87 3.14
N LEU C 79 -7.99 -1.93 3.16
CA LEU C 79 -7.94 -1.92 4.57
CA LEU C 79 -8.02 -1.97 4.61
C LEU C 79 -9.02 -1.02 5.14
C LEU C 79 -9.07 -1.01 5.14
N ASP C 80 -9.55 -1.41 6.29
CA ASP C 80 -10.60 -0.60 6.98
C ASP C 80 -10.44 -0.85 8.49
N GLU C 81 -11.24 -0.11 9.23
CA GLU C 81 -11.09 -0.04 10.66
C GLU C 81 -11.37 -1.37 11.36
N GLN C 82 -12.37 -2.09 10.85
CA GLN C 82 -12.76 -3.36 11.44
C GLN C 82 -11.63 -4.39 11.34
N GLN C 83 -10.98 -4.48 10.17
CA GLN C 83 -9.87 -5.42 10.00
C GLN C 83 -8.72 -5.04 10.96
N LEU C 84 -8.43 -3.74 11.08
CA LEU C 84 -7.32 -3.31 11.91
C LEU C 84 -7.58 -3.49 13.38
N GLU C 85 -8.83 -3.32 13.76
CA GLU C 85 -9.23 -3.50 15.16
C GLU C 85 -9.05 -5.00 15.54
N LYS C 86 -9.43 -5.88 14.63
CA LYS C 86 -9.25 -7.32 14.85
C LYS C 86 -7.76 -7.67 14.95
N TYR C 87 -6.95 -7.05 14.07
CA TYR C 87 -5.51 -7.22 14.10
C TYR C 87 -4.92 -6.82 15.45
N ILE C 88 -5.19 -5.61 15.93
CA ILE C 88 -4.56 -5.20 17.19
C ILE C 88 -5.10 -5.96 18.41
N GLU C 89 -6.26 -6.59 18.30
CA GLU C 89 -6.76 -7.43 19.37
C GLU C 89 -6.40 -8.89 19.25
N SER C 90 -5.72 -9.32 18.16
N SER C 90 -5.72 -9.31 18.18
CA SER C 90 -5.45 -10.73 18.00
CA SER C 90 -5.44 -10.71 18.00
C SER C 90 -4.49 -11.28 19.01
C SER C 90 -4.49 -11.27 19.04
N ALA C 91 -4.71 -12.51 19.44
CA ALA C 91 -3.83 -13.19 20.34
C ALA C 91 -2.48 -13.44 19.60
N ASN C 92 -1.42 -13.44 20.37
CA ASN C 92 -0.13 -13.83 19.88
C ASN C 92 0.44 -12.91 18.79
N THR C 93 0.04 -11.64 18.84
CA THR C 93 0.41 -10.64 17.88
C THR C 93 0.76 -9.32 18.55
N LEU C 94 1.90 -8.75 18.19
CA LEU C 94 2.28 -7.41 18.66
C LEU C 94 2.36 -6.53 17.40
N ALA C 95 1.64 -5.44 17.40
CA ALA C 95 1.63 -4.50 16.26
C ALA C 95 2.29 -3.21 16.64
N PHE C 96 3.29 -2.81 15.85
CA PHE C 96 4.06 -1.59 16.11
C PHE C 96 3.97 -0.52 15.03
N LYS C 97 3.82 0.72 15.51
CA LYS C 97 4.16 1.89 14.72
C LYS C 97 5.61 2.24 14.92
N VAL C 98 6.26 2.71 13.87
CA VAL C 98 7.68 3.04 13.88
C VAL C 98 7.77 4.58 13.95
N VAL C 99 8.41 5.11 15.00
CA VAL C 99 8.43 6.55 15.29
C VAL C 99 9.86 7.04 15.09
N ASP C 100 10.00 8.06 14.25
CA ASP C 100 11.26 8.75 14.04
C ASP C 100 11.67 9.52 15.27
N GLU C 101 12.80 9.20 15.85
CA GLU C 101 13.32 9.91 17.05
C GLU C 101 13.52 11.39 16.80
N GLU C 102 14.02 11.76 15.64
CA GLU C 102 14.22 13.19 15.30
C GLU C 102 12.93 14.00 15.27
N THR C 103 11.95 13.62 14.49
CA THR C 103 10.76 14.43 14.29
C THR C 103 9.60 14.03 15.14
N SER C 104 9.64 12.85 15.73
CA SER C 104 8.47 12.24 16.37
C SER C 104 7.29 11.82 15.42
N ASP C 105 7.49 11.87 14.12
CA ASP C 105 6.48 11.42 13.18
C ASP C 105 6.45 9.88 13.15
N VAL C 106 5.28 9.35 12.85
CA VAL C 106 5.17 7.94 12.51
C VAL C 106 5.60 7.70 11.06
N ILE C 107 6.61 6.87 10.86
CA ILE C 107 7.17 6.61 9.51
C ILE C 107 7.08 5.18 8.99
N GLY C 108 6.45 4.27 9.74
CA GLY C 108 6.35 2.91 9.26
C GLY C 108 5.58 2.01 10.18
N HIS C 109 5.69 0.74 9.91
CA HIS C 109 4.95 -0.27 10.60
C HIS C 109 5.73 -1.53 10.63
N ILE C 110 5.55 -2.30 11.69
CA ILE C 110 6.13 -3.66 11.74
C ILE C 110 5.42 -4.49 12.79
N SER C 111 5.42 -5.83 12.60
CA SER C 111 4.66 -6.71 13.47
C SER C 111 5.43 -7.94 13.87
N LEU C 112 5.22 -8.37 15.10
CA LEU C 112 5.67 -9.73 15.53
C LEU C 112 4.45 -10.57 15.78
N GLY C 113 4.22 -11.56 14.92
CA GLY C 113 3.00 -12.37 14.93
C GLY C 113 3.35 -13.82 15.15
N GLN C 114 2.30 -14.61 15.23
N GLN C 114 2.33 -14.63 15.19
CA GLN C 114 2.40 -16.08 15.51
CA GLN C 114 2.48 -16.12 15.47
C GLN C 114 3.35 -16.39 16.69
C GLN C 114 3.37 -16.39 16.69
N ILE C 115 3.22 -15.61 17.75
CA ILE C 115 4.11 -15.75 18.87
C ILE C 115 3.67 -17.08 19.54
N ASP C 116 4.58 -18.03 19.60
CA ASP C 116 4.32 -19.42 19.94
C ASP C 116 5.20 -19.73 21.15
N ASN C 117 4.61 -19.76 22.34
CA ASN C 117 5.40 -19.96 23.55
C ASN C 117 5.70 -21.38 23.85
N ILE C 118 5.17 -22.35 23.12
CA ILE C 118 5.56 -23.76 23.25
C ILE C 118 6.86 -23.98 22.45
N ASN C 119 6.86 -23.58 21.16
CA ASN C 119 8.04 -23.79 20.35
C ASN C 119 9.04 -22.64 20.44
N LYS C 120 8.71 -21.58 21.15
CA LYS C 120 9.55 -20.39 21.30
C LYS C 120 9.93 -19.80 19.98
N SER C 121 8.89 -19.45 19.24
CA SER C 121 9.07 -18.88 17.95
C SER C 121 8.08 -17.79 17.66
N ALA C 122 8.39 -16.95 16.68
CA ALA C 122 7.52 -15.89 16.22
C ALA C 122 7.92 -15.50 14.79
N ARG C 123 7.04 -14.72 14.14
CA ARG C 123 7.20 -14.34 12.75
C ARG C 123 7.14 -12.84 12.63
N ILE C 124 8.18 -12.24 12.08
CA ILE C 124 8.17 -10.81 11.69
C ILE C 124 7.40 -10.67 10.40
N GLY C 125 6.53 -9.67 10.36
CA GLY C 125 5.76 -9.41 9.14
C GLY C 125 5.24 -7.98 9.14
N LYS C 126 4.47 -7.69 8.10
CA LYS C 126 3.82 -6.38 7.94
C LYS C 126 4.88 -5.27 8.01
N VAL C 127 6.01 -5.50 7.36
CA VAL C 127 7.15 -4.58 7.44
C VAL C 127 6.92 -3.46 6.44
N LEU C 128 6.79 -2.25 6.90
CA LEU C 128 6.54 -1.11 5.98
C LEU C 128 7.37 0.09 6.37
N VAL C 129 8.13 0.58 5.41
CA VAL C 129 8.79 1.92 5.56
C VAL C 129 7.91 2.90 4.77
N GLY C 130 7.26 3.82 5.46
CA GLY C 130 6.08 4.47 4.88
C GLY C 130 6.57 5.65 4.07
N ASN C 131 7.50 6.42 4.67
CA ASN C 131 8.11 7.57 4.00
C ASN C 131 9.53 7.89 4.61
N ARG C 137 17.81 2.03 2.80
CA ARG C 137 17.50 0.74 3.42
C ARG C 137 17.69 0.79 4.96
N SER C 138 18.15 1.96 5.44
CA SER C 138 18.69 2.11 6.78
C SER C 138 17.55 2.07 7.82
N ILE C 139 16.43 2.76 7.57
CA ILE C 139 15.32 2.78 8.48
C ILE C 139 14.84 1.31 8.67
N GLY C 140 14.73 0.58 7.57
CA GLY C 140 14.36 -0.85 7.59
C GLY C 140 15.25 -1.71 8.48
N LYS C 141 16.56 -1.54 8.35
CA LYS C 141 17.50 -2.21 9.23
C LYS C 141 17.28 -1.84 10.70
N HIS C 142 17.08 -0.58 11.02
CA HIS C 142 16.85 -0.22 12.40
C HIS C 142 15.56 -0.86 12.93
N MSE C 143 14.53 -0.91 12.09
CA MSE C 143 13.25 -1.49 12.48
C MSE C 143 13.42 -2.98 12.75
O MSE C 143 12.92 -3.49 13.74
CB MSE C 143 12.22 -1.33 11.39
CG MSE C 143 11.78 0.14 11.26
SE MSE C 143 10.76 0.47 9.55
CE MSE C 143 9.71 -1.17 9.58
N MSE C 144 14.15 -3.67 11.84
CA MSE C 144 14.35 -5.10 12.02
C MSE C 144 15.12 -5.36 13.31
O MSE C 144 14.73 -6.27 14.09
CB MSE C 144 15.15 -5.75 10.90
CG MSE C 144 14.37 -5.69 9.61
SE MSE C 144 12.70 -6.74 9.60
CE MSE C 144 13.54 -8.50 9.84
N LYS C 145 16.18 -4.60 13.57
CA LYS C 145 16.95 -4.82 14.75
C LYS C 145 16.13 -4.54 16.04
N ALA C 146 15.29 -3.50 16.03
CA ALA C 146 14.48 -3.24 17.17
C ALA C 146 13.50 -4.44 17.45
N VAL C 147 12.91 -5.04 16.39
CA VAL C 147 11.91 -6.12 16.63
C VAL C 147 12.64 -7.41 17.02
N LEU C 148 13.83 -7.62 16.48
CA LEU C 148 14.62 -8.72 16.85
C LEU C 148 15.09 -8.66 18.32
N HIS C 149 15.36 -7.44 18.77
CA HIS C 149 15.65 -7.22 20.18
C HIS C 149 14.47 -7.64 21.04
N ILE C 150 13.27 -7.30 20.63
CA ILE C 150 12.07 -7.72 21.39
C ILE C 150 11.92 -9.24 21.39
N ALA C 151 12.04 -9.85 20.21
CA ALA C 151 11.86 -11.29 20.12
C ALA C 151 12.88 -12.13 20.88
N PHE C 152 14.16 -11.80 20.67
CA PHE C 152 15.25 -12.59 21.30
C PHE C 152 15.61 -12.16 22.69
N ASP C 153 15.59 -10.87 23.00
CA ASP C 153 16.13 -10.42 24.31
C ASP C 153 15.03 -10.18 25.29
N GLU C 154 13.90 -9.61 24.88
CA GLU C 154 12.77 -9.42 25.77
C GLU C 154 11.90 -10.66 25.91
N LEU C 155 11.51 -11.27 24.79
CA LEU C 155 10.65 -12.46 24.89
C LEU C 155 11.41 -13.73 25.04
N LYS C 156 12.75 -13.69 24.84
CA LYS C 156 13.58 -14.91 24.99
C LYS C 156 13.17 -16.03 24.05
N LEU C 157 12.87 -15.72 22.79
CA LEU C 157 12.51 -16.77 21.84
C LEU C 157 13.72 -17.45 21.28
N HIS C 158 13.47 -18.59 20.67
CA HIS C 158 14.51 -19.40 20.03
C HIS C 158 14.65 -19.17 18.53
N ARG C 159 13.53 -18.90 17.85
CA ARG C 159 13.52 -18.86 16.41
C ARG C 159 12.62 -17.73 15.93
N VAL C 160 13.06 -16.96 14.95
CA VAL C 160 12.23 -15.90 14.36
C VAL C 160 12.22 -16.14 12.87
N THR C 161 11.03 -16.10 12.26
CA THR C 161 10.87 -16.39 10.84
C THR C 161 10.35 -15.13 10.14
N LEU C 162 10.43 -15.17 8.82
CA LEU C 162 10.00 -14.07 7.97
C LEU C 162 9.76 -14.63 6.57
N GLY C 163 8.79 -14.09 5.86
CA GLY C 163 8.55 -14.45 4.48
C GLY C 163 8.79 -13.23 3.58
N VAL C 164 9.36 -13.42 2.38
CA VAL C 164 9.49 -12.32 1.47
C VAL C 164 9.30 -12.89 0.05
N TYR C 165 8.49 -12.19 -0.78
CA TYR C 165 8.31 -12.65 -2.16
C TYR C 165 9.63 -12.60 -2.94
N ASP C 166 9.81 -13.58 -3.85
CA ASP C 166 11.09 -13.75 -4.52
C ASP C 166 11.54 -12.62 -5.44
N PHE C 167 10.61 -11.82 -5.90
CA PHE C 167 10.97 -10.62 -6.71
C PHE C 167 11.48 -9.47 -5.86
N ASN C 168 11.35 -9.49 -4.54
N ASN C 168 11.34 -9.49 -4.54
CA ASN C 168 11.84 -8.39 -3.72
CA ASN C 168 11.81 -8.38 -3.71
C ASN C 168 13.29 -8.65 -3.28
C ASN C 168 13.29 -8.63 -3.27
N THR C 169 14.18 -8.68 -4.27
CA THR C 169 15.56 -9.04 -4.10
C THR C 169 16.38 -8.07 -3.26
N SER C 170 16.02 -6.78 -3.22
CA SER C 170 16.78 -5.88 -2.34
C SER C 170 16.36 -6.07 -0.91
N ALA C 171 15.10 -6.36 -0.62
CA ALA C 171 14.75 -6.69 0.77
C ALA C 171 15.44 -7.98 1.17
N ILE C 172 15.52 -8.95 0.28
CA ILE C 172 16.12 -10.22 0.61
C ILE C 172 17.58 -10.00 0.99
N SER C 173 18.31 -9.18 0.24
CA SER C 173 19.74 -8.91 0.55
C SER C 173 19.90 -8.23 1.86
N CYS C 174 19.05 -7.27 2.13
CA CYS C 174 19.08 -6.58 3.42
C CYS C 174 18.85 -7.59 4.58
N TYR C 175 17.86 -8.47 4.45
CA TYR C 175 17.58 -9.45 5.50
C TYR C 175 18.75 -10.45 5.70
N GLU C 176 19.39 -10.83 4.61
CA GLU C 176 20.59 -11.69 4.70
C GLU C 176 21.72 -10.96 5.41
N LYS C 177 21.89 -9.69 5.14
CA LYS C 177 22.96 -8.89 5.82
C LYS C 177 22.70 -8.76 7.32
N ILE C 178 21.42 -8.64 7.72
CA ILE C 178 21.06 -8.60 9.13
C ILE C 178 21.31 -9.97 9.79
N GLY C 179 21.36 -11.05 9.02
CA GLY C 179 21.52 -12.37 9.58
C GLY C 179 20.46 -13.45 9.29
N PHE C 180 19.38 -13.09 8.63
CA PHE C 180 18.41 -14.11 8.24
C PHE C 180 19.03 -15.03 7.17
N VAL C 181 18.62 -16.29 7.24
CA VAL C 181 19.07 -17.33 6.36
C VAL C 181 17.86 -17.84 5.57
N LYS C 182 18.00 -18.04 4.29
CA LYS C 182 16.95 -18.69 3.49
C LYS C 182 16.80 -20.14 3.90
N GLU C 183 15.59 -20.54 4.20
CA GLU C 183 15.30 -21.97 4.37
C GLU C 183 14.77 -22.65 3.12
N GLY C 184 13.92 -21.98 2.36
CA GLY C 184 13.35 -22.54 1.17
C GLY C 184 12.34 -21.66 0.51
N LEU C 185 12.10 -21.97 -0.75
CA LEU C 185 11.14 -21.24 -1.55
C LEU C 185 9.80 -21.98 -1.58
N LEU C 186 8.75 -21.32 -1.09
CA LEU C 186 7.41 -21.88 -1.10
C LEU C 186 6.81 -21.60 -2.43
N ARG C 187 6.77 -22.63 -3.27
CA ARG C 187 6.46 -22.42 -4.69
C ARG C 187 4.99 -22.10 -4.94
N GLU C 188 4.75 -21.03 -5.65
CA GLU C 188 3.41 -20.65 -6.10
C GLU C 188 2.35 -20.67 -4.99
N SER C 189 2.75 -20.08 -3.88
CA SER C 189 2.01 -20.18 -2.62
C SER C 189 1.01 -19.06 -2.38
N LYS C 190 1.08 -17.96 -3.14
CA LYS C 190 0.13 -16.89 -3.01
C LYS C 190 -0.46 -16.62 -4.39
N ARG C 191 -1.75 -16.77 -4.53
CA ARG C 191 -2.41 -16.43 -5.75
C ARG C 191 -2.67 -14.90 -5.82
N VAL C 192 -2.36 -14.31 -6.98
CA VAL C 192 -2.53 -12.88 -7.22
C VAL C 192 -3.03 -12.79 -8.65
N GLY C 193 -4.31 -12.46 -8.77
CA GLY C 193 -5.02 -12.52 -10.01
C GLY C 193 -4.97 -13.88 -10.66
N GLU C 194 -4.39 -13.88 -11.85
CA GLU C 194 -4.27 -15.06 -12.64
C GLU C 194 -2.89 -15.74 -12.46
N THR C 195 -2.05 -15.26 -11.54
CA THR C 195 -0.72 -15.86 -11.44
C THR C 195 -0.51 -16.23 -9.93
N TYR C 196 0.61 -16.82 -9.64
CA TYR C 196 1.01 -17.16 -8.29
C TYR C 196 2.38 -16.51 -8.04
N TRP C 197 2.62 -16.08 -6.81
CA TRP C 197 3.93 -15.68 -6.34
C TRP C 197 4.56 -16.75 -5.47
N ASN C 198 5.88 -16.73 -5.45
CA ASN C 198 6.72 -17.61 -4.71
C ASN C 198 7.27 -16.84 -3.50
N LEU C 199 7.25 -17.51 -2.34
CA LEU C 199 7.61 -16.85 -1.07
C LEU C 199 8.87 -17.48 -0.52
N TRP C 200 9.91 -16.71 -0.26
CA TRP C 200 11.09 -17.23 0.50
C TRP C 200 10.81 -17.27 2.00
N GLU C 201 10.90 -18.42 2.60
CA GLU C 201 10.86 -18.61 4.03
C GLU C 201 12.31 -18.43 4.54
N MSE C 202 12.49 -17.52 5.48
CA MSE C 202 13.78 -17.18 6.05
C MSE C 202 13.69 -17.22 7.56
O MSE C 202 12.60 -17.13 8.11
CB MSE C 202 14.26 -15.76 5.63
CG MSE C 202 14.28 -15.62 4.11
SE MSE C 202 14.99 -13.86 3.63
CE MSE C 202 16.86 -14.22 4.04
N SER C 203 14.81 -17.44 8.23
CA SER C 203 14.81 -17.56 9.70
C SER C 203 16.13 -17.11 10.33
N MSE C 204 16.06 -16.81 11.62
CA MSE C 204 17.20 -16.64 12.50
C MSE C 204 16.96 -17.36 13.78
O MSE C 204 15.85 -17.32 14.33
CB MSE C 204 17.35 -15.13 12.73
CG MSE C 204 18.72 -14.87 13.29
SE MSE C 204 18.94 -12.94 13.53
CE MSE C 204 18.54 -12.18 11.86
N LEU C 205 17.97 -18.07 14.25
CA LEU C 205 17.93 -18.76 15.48
C LEU C 205 18.61 -17.92 16.55
N GLU C 206 18.32 -18.17 17.82
CA GLU C 206 18.84 -17.28 18.89
C GLU C 206 20.39 -17.24 18.95
N TYR C 207 21.01 -18.34 18.61
CA TYR C 207 22.49 -18.36 18.60
C TYR C 207 23.12 -17.68 17.43
N GLU C 208 22.31 -17.26 16.43
CA GLU C 208 22.78 -16.44 15.31
C GLU C 208 22.59 -14.96 15.59
N TRP C 209 21.81 -14.62 16.61
CA TRP C 209 21.54 -13.22 16.97
C TRP C 209 22.66 -12.75 17.95
N LYS C 210 22.99 -13.51 18.97
CA LYS C 210 24.17 -13.15 19.78
C LYS C 210 25.15 -14.31 19.91
N LEU D 42 -9.48 -49.44 -6.12
CA LEU D 42 -8.20 -49.90 -5.46
C LEU D 42 -8.42 -50.65 -4.08
N VAL D 43 -7.32 -50.85 -3.37
CA VAL D 43 -7.25 -51.49 -2.09
C VAL D 43 -7.90 -50.63 -0.93
N ILE D 44 -7.95 -49.31 -0.98
CA ILE D 44 -8.43 -48.50 0.20
C ILE D 44 -9.39 -47.41 -0.25
N LYS D 45 -10.27 -46.97 0.63
CA LYS D 45 -11.04 -45.76 0.41
C LYS D 45 -10.93 -44.80 1.62
N LEU D 46 -11.08 -43.52 1.35
CA LEU D 46 -11.11 -42.54 2.37
C LEU D 46 -12.55 -42.23 2.70
N GLU D 47 -12.90 -42.20 3.98
CA GLU D 47 -14.25 -41.86 4.40
C GLU D 47 -14.16 -40.87 5.56
N SER D 48 -15.26 -40.11 5.74
CA SER D 48 -15.33 -39.18 6.85
C SER D 48 -15.09 -39.85 8.23
N PHE D 49 -14.13 -39.30 8.96
CA PHE D 49 -13.80 -39.73 10.30
C PHE D 49 -14.90 -39.31 11.30
N LYS D 50 -15.39 -40.24 12.12
CA LYS D 50 -16.55 -40.04 13.01
C LYS D 50 -16.18 -40.34 14.45
N LYS D 51 -17.09 -40.01 15.35
CA LYS D 51 -16.93 -40.34 16.77
C LYS D 51 -16.70 -41.83 17.03
N SER D 52 -17.26 -42.69 16.22
CA SER D 52 -17.07 -44.10 16.41
C SER D 52 -15.65 -44.60 16.05
N ASP D 53 -14.83 -43.74 15.45
CA ASP D 53 -13.45 -44.04 15.15
C ASP D 53 -12.45 -43.45 16.14
N PHE D 54 -12.93 -42.66 17.10
CA PHE D 54 -12.06 -41.95 18.02
C PHE D 54 -11.20 -42.88 18.87
N LYS D 55 -11.80 -43.90 19.47
CA LYS D 55 -11.03 -44.73 20.41
C LYS D 55 -9.91 -45.48 19.72
N GLN D 56 -10.18 -45.96 18.52
CA GLN D 56 -9.15 -46.60 17.79
C GLN D 56 -7.89 -45.66 17.56
N LEU D 57 -8.14 -44.40 17.19
CA LEU D 57 -7.08 -43.50 16.94
C LEU D 57 -6.35 -43.17 18.25
N ILE D 58 -7.12 -42.96 19.32
CA ILE D 58 -6.52 -42.66 20.61
C ILE D 58 -5.55 -43.81 21.02
N ASN D 59 -5.96 -45.06 20.74
CA ASN D 59 -5.12 -46.21 21.03
C ASN D 59 -3.90 -46.28 20.13
N TRP D 60 -3.98 -45.82 18.89
CA TRP D 60 -2.80 -45.76 18.09
C TRP D 60 -1.76 -44.75 18.62
N ILE D 61 -2.18 -43.67 19.25
CA ILE D 61 -1.24 -42.62 19.66
C ILE D 61 -0.79 -42.85 21.11
N ASN D 62 0.32 -43.54 21.27
CA ASN D 62 0.73 -44.04 22.60
C ASN D 62 1.72 -43.20 23.34
N SER D 63 2.25 -42.14 22.79
CA SER D 63 3.23 -41.32 23.52
C SER D 63 3.17 -39.93 22.92
N GLU D 64 3.70 -38.97 23.70
CA GLU D 64 3.78 -37.59 23.28
C GLU D 64 4.68 -37.41 22.04
N GLU D 65 5.82 -38.03 21.99
CA GLU D 65 6.67 -37.92 20.80
C GLU D 65 5.99 -38.49 19.59
N PHE D 66 5.28 -39.60 19.72
CA PHE D 66 4.54 -40.09 18.55
C PHE D 66 3.38 -39.12 18.15
N LEU D 67 2.73 -38.52 19.12
CA LEU D 67 1.66 -37.58 18.86
C LEU D 67 2.21 -36.39 18.02
N ILE D 68 3.38 -35.92 18.39
CA ILE D 68 4.02 -34.85 17.68
C ILE D 68 4.46 -35.28 16.25
N GLN D 69 5.05 -36.47 16.11
CA GLN D 69 5.38 -36.92 14.75
C GLN D 69 4.17 -36.98 13.87
N TRP D 70 3.06 -37.41 14.42
CA TRP D 70 1.84 -37.58 13.68
C TRP D 70 1.13 -36.28 13.36
N SER D 71 1.07 -35.36 14.32
CA SER D 71 0.15 -34.27 14.20
C SER D 71 0.76 -32.89 14.53
N GLY D 72 2.05 -32.84 14.85
CA GLY D 72 2.69 -31.55 15.09
C GLY D 72 2.22 -30.85 16.34
N ASN D 73 1.72 -29.62 16.15
CA ASN D 73 1.17 -28.80 17.28
C ASN D 73 -0.33 -28.89 17.42
N ALA D 74 -0.99 -29.76 16.67
CA ALA D 74 -2.47 -29.78 16.73
C ALA D 74 -3.05 -30.18 18.06
N PHE D 75 -2.36 -31.08 18.80
CA PHE D 75 -2.99 -31.64 20.01
C PHE D 75 -2.05 -31.57 21.22
N THR D 76 -2.65 -31.77 22.39
CA THR D 76 -1.96 -31.98 23.68
C THR D 76 -2.10 -33.47 24.03
N PHE D 77 -1.01 -34.06 24.48
CA PHE D 77 -1.00 -35.46 24.94
C PHE D 77 -1.59 -35.60 26.32
N PRO D 78 -2.43 -36.59 26.59
CA PRO D 78 -2.88 -37.57 25.66
C PRO D 78 -4.01 -37.10 24.81
N LEU D 79 -4.16 -37.72 23.65
CA LEU D 79 -5.27 -37.46 22.77
C LEU D 79 -6.51 -37.97 23.47
N ASP D 80 -7.63 -37.26 23.33
CA ASP D 80 -8.89 -37.62 23.96
C ASP D 80 -10.03 -37.15 23.08
N GLU D 81 -11.23 -37.51 23.51
CA GLU D 81 -12.41 -37.30 22.71
C GLU D 81 -12.76 -35.87 22.51
N GLN D 82 -12.55 -35.04 23.55
CA GLN D 82 -12.83 -33.63 23.45
C GLN D 82 -11.99 -32.93 22.33
N GLN D 83 -10.70 -33.24 22.30
CA GLN D 83 -9.82 -32.66 21.27
C GLN D 83 -10.23 -33.18 19.87
N LEU D 84 -10.64 -34.44 19.75
CA LEU D 84 -11.08 -35.01 18.47
C LEU D 84 -12.36 -34.43 17.97
N GLU D 85 -13.24 -34.12 18.90
CA GLU D 85 -14.50 -33.48 18.52
C GLU D 85 -14.23 -32.08 17.94
N LYS D 86 -13.33 -31.37 18.55
CA LYS D 86 -12.94 -30.04 18.08
C LYS D 86 -12.22 -30.13 16.69
N TYR D 87 -11.40 -31.17 16.51
CA TYR D 87 -10.75 -31.46 15.25
C TYR D 87 -11.78 -31.69 14.16
N ILE D 88 -12.75 -32.57 14.34
CA ILE D 88 -13.70 -32.82 13.25
C ILE D 88 -14.62 -31.61 12.96
N GLU D 89 -14.76 -30.68 13.90
CA GLU D 89 -15.48 -29.45 13.63
C GLU D 89 -14.62 -28.27 13.17
N SER D 90 -13.31 -28.44 13.06
CA SER D 90 -12.44 -27.33 12.68
C SER D 90 -12.70 -26.84 11.22
N ALA D 91 -12.57 -25.55 11.04
CA ALA D 91 -12.81 -25.02 9.69
C ALA D 91 -11.67 -25.46 8.75
N ASN D 92 -12.01 -25.61 7.49
CA ASN D 92 -11.04 -25.83 6.44
C ASN D 92 -10.31 -27.17 6.57
N THR D 93 -10.97 -28.17 7.18
CA THR D 93 -10.35 -29.45 7.50
C THR D 93 -11.26 -30.62 7.05
N LEU D 94 -10.67 -31.57 6.35
CA LEU D 94 -11.31 -32.85 6.09
C LEU D 94 -10.54 -33.91 6.86
N ALA D 95 -11.22 -34.64 7.74
CA ALA D 95 -10.61 -35.73 8.44
C ALA D 95 -11.09 -37.07 7.88
N PHE D 96 -10.14 -37.95 7.55
CA PHE D 96 -10.46 -39.23 7.01
C PHE D 96 -9.99 -40.44 7.81
N LYS D 97 -10.87 -41.40 7.94
CA LYS D 97 -10.47 -42.80 8.21
C LYS D 97 -10.13 -43.51 6.92
N VAL D 98 -9.16 -44.39 6.98
CA VAL D 98 -8.72 -45.15 5.82
C VAL D 98 -9.26 -46.55 5.96
N VAL D 99 -10.06 -46.99 4.99
CA VAL D 99 -10.86 -48.21 5.07
C VAL D 99 -10.35 -49.18 4.03
N ASP D 100 -10.01 -50.35 4.45
CA ASP D 100 -9.69 -51.49 3.56
C ASP D 100 -10.95 -51.94 2.81
N GLU D 101 -10.91 -51.83 1.50
CA GLU D 101 -12.03 -52.27 0.63
C GLU D 101 -12.42 -53.75 0.86
N GLU D 102 -11.42 -54.62 1.00
CA GLU D 102 -11.69 -56.04 1.20
C GLU D 102 -12.46 -56.34 2.48
N THR D 103 -11.95 -55.94 3.63
CA THR D 103 -12.49 -56.36 4.91
C THR D 103 -13.38 -55.31 5.53
N SER D 104 -13.35 -54.09 5.03
CA SER D 104 -14.04 -52.97 5.70
C SER D 104 -13.38 -52.51 7.00
N ASP D 105 -12.18 -53.01 7.34
CA ASP D 105 -11.50 -52.57 8.54
C ASP D 105 -10.96 -51.15 8.38
N VAL D 106 -10.96 -50.39 9.47
CA VAL D 106 -10.28 -49.15 9.48
C VAL D 106 -8.77 -49.40 9.75
N ILE D 107 -7.90 -48.98 8.83
CA ILE D 107 -6.46 -49.25 8.93
C ILE D 107 -5.53 -48.04 8.99
N GLY D 108 -6.09 -46.83 9.03
CA GLY D 108 -5.27 -45.65 9.16
C GLY D 108 -6.06 -44.39 9.24
N HIS D 109 -5.35 -43.29 9.12
CA HIS D 109 -5.91 -41.97 9.25
C HIS D 109 -5.16 -41.06 8.36
N ILE D 110 -5.88 -40.07 7.84
CA ILE D 110 -5.20 -38.98 7.11
C ILE D 110 -6.08 -37.77 7.05
N SER D 111 -5.47 -36.58 6.93
CA SER D 111 -6.25 -35.34 6.90
C SER D 111 -5.81 -34.40 5.80
N LEU D 112 -6.77 -33.68 5.25
CA LEU D 112 -6.47 -32.53 4.40
C LEU D 112 -6.94 -31.28 5.11
N GLY D 113 -6.01 -30.43 5.53
CA GLY D 113 -6.28 -29.29 6.37
C GLY D 113 -5.81 -28.01 5.69
N GLN D 114 -6.09 -26.89 6.34
CA GLN D 114 -5.88 -25.54 5.80
C GLN D 114 -6.30 -25.39 4.35
N ILE D 115 -7.48 -25.90 4.05
CA ILE D 115 -8.02 -25.84 2.72
C ILE D 115 -8.32 -24.32 2.46
N ASP D 116 -7.66 -23.75 1.48
CA ASP D 116 -7.59 -22.32 1.29
C ASP D 116 -8.05 -22.03 -0.15
N ASN D 117 -9.28 -21.55 -0.26
CA ASN D 117 -9.87 -21.30 -1.54
C ASN D 117 -9.36 -20.04 -2.26
N ILE D 118 -8.71 -19.14 -1.57
CA ILE D 118 -8.11 -17.97 -2.19
C ILE D 118 -6.78 -18.39 -2.91
N ASN D 119 -5.90 -19.09 -2.20
CA ASN D 119 -4.68 -19.48 -2.74
C ASN D 119 -4.70 -20.84 -3.46
N LYS D 120 -5.83 -21.54 -3.39
CA LYS D 120 -6.01 -22.88 -3.93
C LYS D 120 -4.94 -23.84 -3.45
N SER D 121 -4.87 -23.93 -2.13
CA SER D 121 -3.94 -24.78 -1.49
C SER D 121 -4.54 -25.52 -0.33
N ALA D 122 -3.84 -26.58 0.10
CA ALA D 122 -4.18 -27.34 1.28
C ALA D 122 -2.93 -28.07 1.77
N ARG D 123 -3.02 -28.60 3.01
CA ARG D 123 -1.93 -29.32 3.63
C ARG D 123 -2.37 -30.69 4.04
N ILE D 124 -1.63 -31.70 3.57
CA ILE D 124 -1.83 -33.11 4.07
C ILE D 124 -1.16 -33.24 5.41
N GLY D 125 -1.82 -33.86 6.35
CA GLY D 125 -1.22 -34.14 7.68
C GLY D 125 -1.89 -35.30 8.38
N LYS D 126 -1.50 -35.51 9.62
CA LYS D 126 -2.08 -36.55 10.49
C LYS D 126 -2.08 -37.91 9.76
N VAL D 127 -0.96 -38.24 9.12
CA VAL D 127 -0.88 -39.40 8.26
C VAL D 127 -0.50 -40.57 9.18
N LEU D 128 -1.37 -41.56 9.31
CA LEU D 128 -1.10 -42.72 10.16
CA LEU D 128 -1.01 -42.73 10.12
C LEU D 128 -1.46 -44.00 9.48
N VAL D 129 -0.55 -44.91 9.36
CA VAL D 129 -0.81 -46.28 8.81
C VAL D 129 -0.86 -47.24 9.99
N GLY D 130 -2.01 -47.84 10.27
CA GLY D 130 -2.11 -48.95 11.27
C GLY D 130 -1.21 -50.19 10.99
N ASN D 131 -1.32 -51.19 11.85
CA ASN D 131 -0.42 -52.36 11.77
C ASN D 131 -1.16 -53.43 11.10
N THR D 132 -0.87 -53.69 9.86
CA THR D 132 -1.69 -54.66 9.04
C THR D 132 -0.72 -55.64 8.53
N LYS D 133 -1.27 -56.67 7.91
CA LYS D 133 -0.50 -57.62 7.26
C LYS D 133 -0.03 -57.19 5.84
N MSE D 134 -0.51 -56.11 5.34
CA MSE D 134 -0.01 -55.60 4.09
C MSE D 134 1.10 -54.66 4.43
O MSE D 134 1.16 -54.08 5.50
CB MSE D 134 -1.26 -55.09 3.39
CG MSE D 134 -0.84 -54.15 2.31
SE MSE D 134 0.24 -54.88 0.82
CE MSE D 134 -0.86 -53.77 -0.45
N ARG D 135 2.04 -54.52 3.53
CA ARG D 135 3.21 -53.65 3.75
C ARG D 135 2.72 -52.16 4.02
N GLY D 136 3.11 -51.59 5.12
CA GLY D 136 2.66 -50.30 5.53
C GLY D 136 3.06 -49.26 4.51
N ARG D 137 4.28 -49.31 4.00
CA ARG D 137 4.70 -48.40 2.94
C ARG D 137 3.75 -48.39 1.69
N SER D 138 3.18 -49.56 1.35
CA SER D 138 2.28 -49.67 0.20
C SER D 138 0.91 -49.01 0.52
N ILE D 139 0.39 -49.28 1.72
N ILE D 139 0.37 -49.31 1.70
CA ILE D 139 -0.85 -48.73 2.18
CA ILE D 139 -0.86 -48.67 2.12
C ILE D 139 -0.68 -47.18 2.17
C ILE D 139 -0.69 -47.13 2.17
N GLY D 140 0.44 -46.69 2.68
CA GLY D 140 0.75 -45.26 2.71
C GLY D 140 0.73 -44.60 1.34
N LYS D 141 1.32 -45.26 0.35
CA LYS D 141 1.19 -44.79 -1.04
C LYS D 141 -0.25 -44.72 -1.50
N HIS D 142 -1.03 -45.74 -1.25
CA HIS D 142 -2.43 -45.72 -1.68
C HIS D 142 -3.18 -44.54 -1.00
N MSE D 143 -2.90 -44.31 0.27
CA MSE D 143 -3.56 -43.27 1.01
C MSE D 143 -3.15 -41.91 0.45
O MSE D 143 -4.02 -41.04 0.25
CB MSE D 143 -3.13 -43.28 2.48
CG MSE D 143 -3.68 -44.51 3.21
SE MSE D 143 -2.83 -44.77 4.99
CE MSE D 143 -2.77 -42.90 5.55
N MSE D 144 -1.88 -41.72 0.15
CA MSE D 144 -1.43 -40.47 -0.45
C MSE D 144 -2.08 -40.21 -1.78
O MSE D 144 -2.58 -39.09 -2.05
CB MSE D 144 0.08 -40.36 -0.63
CG MSE D 144 0.76 -40.43 0.73
SE MSE D 144 0.37 -38.87 1.93
CE MSE D 144 1.10 -37.49 0.84
N LYS D 145 -2.12 -41.23 -2.61
CA LYS D 145 -2.72 -41.05 -3.94
C LYS D 145 -4.24 -40.77 -3.83
N ALA D 146 -4.93 -41.42 -2.90
CA ALA D 146 -6.33 -41.13 -2.75
C ALA D 146 -6.55 -39.65 -2.31
N VAL D 147 -5.71 -39.09 -1.39
CA VAL D 147 -5.95 -37.71 -0.95
CA VAL D 147 -5.95 -37.72 -0.93
C VAL D 147 -5.57 -36.74 -2.01
N LEU D 148 -4.55 -37.05 -2.75
CA LEU D 148 -4.13 -36.24 -3.88
C LEU D 148 -5.18 -36.18 -4.96
N HIS D 149 -5.84 -37.27 -5.18
CA HIS D 149 -6.98 -37.30 -6.11
C HIS D 149 -8.09 -36.33 -5.63
N ILE D 150 -8.39 -36.33 -4.34
CA ILE D 150 -9.37 -35.41 -3.81
C ILE D 150 -8.91 -33.95 -4.00
N ALA D 151 -7.66 -33.66 -3.65
CA ALA D 151 -7.14 -32.34 -3.68
C ALA D 151 -7.04 -31.77 -5.08
N PHE D 152 -6.42 -32.51 -5.98
CA PHE D 152 -6.18 -32.01 -7.34
C PHE D 152 -7.31 -32.21 -8.31
N ASP D 153 -8.00 -33.35 -8.23
CA ASP D 153 -9.00 -33.69 -9.27
C ASP D 153 -10.38 -33.28 -8.82
N GLU D 154 -10.72 -33.39 -7.55
CA GLU D 154 -12.03 -33.03 -7.09
C GLU D 154 -12.08 -31.62 -6.58
N LEU D 155 -11.18 -31.18 -5.66
CA LEU D 155 -11.20 -29.84 -5.22
C LEU D 155 -10.53 -28.85 -6.16
N LYS D 156 -9.79 -29.35 -7.17
CA LYS D 156 -9.16 -28.50 -8.18
C LYS D 156 -8.15 -27.53 -7.53
N LEU D 157 -7.36 -28.00 -6.58
CA LEU D 157 -6.37 -27.14 -5.95
C LEU D 157 -5.13 -27.01 -6.84
N HIS D 158 -4.35 -25.97 -6.55
CA HIS D 158 -3.08 -25.74 -7.21
C HIS D 158 -1.84 -26.29 -6.51
N ARG D 159 -1.87 -26.28 -5.17
CA ARG D 159 -0.70 -26.64 -4.39
C ARG D 159 -1.10 -27.47 -3.16
N VAL D 160 -0.37 -28.52 -2.89
CA VAL D 160 -0.58 -29.32 -1.68
C VAL D 160 0.73 -29.39 -0.95
N THR D 161 0.71 -29.10 0.35
CA THR D 161 1.93 -29.10 1.14
C THR D 161 1.88 -30.24 2.19
N LEU D 162 3.02 -30.53 2.75
CA LEU D 162 3.15 -31.42 3.87
C LEU D 162 4.46 -31.20 4.58
N GLY D 163 4.46 -31.59 5.84
CA GLY D 163 5.62 -31.46 6.69
C GLY D 163 6.04 -32.84 7.20
N VAL D 164 7.35 -33.12 7.29
CA VAL D 164 7.82 -34.35 7.84
C VAL D 164 9.14 -34.08 8.54
N TYR D 165 9.26 -34.56 9.77
CA TYR D 165 10.52 -34.38 10.54
C TYR D 165 11.69 -35.07 9.86
N ASP D 166 12.86 -34.43 9.95
CA ASP D 166 14.03 -34.86 9.14
C ASP D 166 14.59 -36.26 9.46
N PHE D 167 14.29 -36.78 10.63
CA PHE D 167 14.72 -38.16 10.98
C PHE D 167 13.80 -39.21 10.34
N ASN D 168 12.63 -38.84 9.80
CA ASN D 168 11.71 -39.82 9.23
C ASN D 168 12.01 -39.97 7.73
N THR D 169 13.19 -40.51 7.45
CA THR D 169 13.73 -40.65 6.12
C THR D 169 12.97 -41.65 5.27
N SER D 170 12.27 -42.65 5.85
CA SER D 170 11.48 -43.55 5.03
C SER D 170 10.23 -42.87 4.55
N ALA D 171 9.57 -42.06 5.41
CA ALA D 171 8.40 -41.32 4.94
C ALA D 171 8.85 -40.33 3.84
N ILE D 172 10.01 -39.68 4.04
CA ILE D 172 10.48 -38.72 3.10
C ILE D 172 10.65 -39.37 1.73
N SER D 173 11.27 -40.55 1.67
CA SER D 173 11.51 -41.24 0.38
CA SER D 173 11.51 -41.17 0.36
C SER D 173 10.25 -41.61 -0.30
N CYS D 174 9.30 -42.11 0.49
CA CYS D 174 8.00 -42.49 -0.03
C CYS D 174 7.30 -41.22 -0.68
N TYR D 175 7.33 -40.12 0.03
CA TYR D 175 6.70 -38.87 -0.50
C TYR D 175 7.41 -38.37 -1.76
N GLU D 176 8.73 -38.47 -1.81
CA GLU D 176 9.46 -38.12 -3.01
C GLU D 176 9.10 -39.03 -4.17
N LYS D 177 8.89 -40.30 -3.93
CA LYS D 177 8.50 -41.24 -5.01
C LYS D 177 7.13 -40.91 -5.57
N ILE D 178 6.22 -40.50 -4.70
CA ILE D 178 4.88 -40.08 -5.10
CA ILE D 178 4.89 -40.08 -5.05
C ILE D 178 4.95 -38.77 -5.90
N GLY D 179 5.98 -37.97 -5.73
CA GLY D 179 6.13 -36.72 -6.43
C GLY D 179 6.30 -35.44 -5.61
N PHE D 180 6.30 -35.53 -4.29
CA PHE D 180 6.56 -34.35 -3.47
C PHE D 180 8.03 -33.95 -3.61
N VAL D 181 8.24 -32.64 -3.54
CA VAL D 181 9.51 -32.02 -3.68
C VAL D 181 9.82 -31.31 -2.37
N LYS D 182 11.04 -31.45 -1.89
CA LYS D 182 11.52 -30.69 -0.72
C LYS D 182 11.61 -29.20 -1.09
N GLU D 183 11.01 -28.35 -0.33
CA GLU D 183 11.22 -26.93 -0.48
C GLU D 183 12.30 -26.38 0.48
N GLY D 184 12.30 -26.79 1.72
CA GLY D 184 13.24 -26.36 2.69
C GLY D 184 13.08 -27.01 4.05
N LEU D 185 14.13 -26.90 4.83
CA LEU D 185 14.20 -27.45 6.15
C LEU D 185 13.97 -26.31 7.15
N LEU D 186 12.91 -26.44 7.95
CA LEU D 186 12.55 -25.43 8.96
C LEU D 186 13.33 -25.79 10.18
N ARG D 187 14.38 -25.00 10.43
CA ARG D 187 15.37 -25.43 11.44
C ARG D 187 14.84 -25.21 12.85
N GLU D 188 14.94 -26.25 13.66
CA GLU D 188 14.62 -26.16 15.08
C GLU D 188 13.26 -25.58 15.36
N SER D 189 12.29 -26.05 14.56
CA SER D 189 10.96 -25.46 14.55
C SER D 189 9.93 -26.07 15.51
N LYS D 190 10.23 -27.27 16.05
CA LYS D 190 9.34 -27.87 17.03
C LYS D 190 10.16 -28.19 18.27
N ARG D 191 9.76 -27.68 19.36
CA ARG D 191 10.39 -28.00 20.63
C ARG D 191 9.83 -29.35 21.17
N VAL D 192 10.71 -30.23 21.58
CA VAL D 192 10.32 -31.54 22.11
C VAL D 192 11.24 -31.79 23.30
N GLY D 193 10.66 -31.74 24.50
CA GLY D 193 11.46 -31.78 25.73
C GLY D 193 12.43 -30.63 25.78
N GLU D 194 13.68 -31.04 25.88
CA GLU D 194 14.79 -30.10 25.95
C GLU D 194 15.46 -29.89 24.58
N THR D 195 14.93 -30.46 23.51
CA THR D 195 15.61 -30.32 22.21
C THR D 195 14.61 -29.73 21.18
N TYR D 196 15.05 -29.55 19.97
CA TYR D 196 14.23 -29.09 18.86
C TYR D 196 14.36 -30.08 17.73
N TRP D 197 13.27 -30.30 17.01
CA TRP D 197 13.30 -31.04 15.76
C TRP D 197 13.20 -30.11 14.56
N ASN D 198 13.67 -30.61 13.44
CA ASN D 198 13.72 -29.88 12.20
C ASN D 198 12.68 -30.49 11.27
N LEU D 199 11.95 -29.65 10.55
CA LEU D 199 10.82 -30.12 9.72
C LEU D 199 11.11 -29.85 8.27
N TRP D 200 11.02 -30.87 7.41
CA TRP D 200 11.04 -30.66 5.94
C TRP D 200 9.68 -30.22 5.44
N GLU D 201 9.63 -29.05 4.83
CA GLU D 201 8.46 -28.57 4.15
C GLU D 201 8.56 -29.09 2.71
N MSE D 202 7.52 -29.78 2.27
CA MSE D 202 7.48 -30.42 0.95
C MSE D 202 6.19 -30.01 0.27
O MSE D 202 5.22 -29.57 0.93
CB MSE D 202 7.53 -31.97 1.06
CG MSE D 202 8.78 -32.41 1.79
SE MSE D 202 8.83 -34.37 1.78
CE MSE D 202 9.46 -34.59 -0.06
N SER D 203 6.16 -30.08 -1.08
CA SER D 203 4.97 -29.68 -1.80
C SER D 203 4.87 -30.41 -3.17
N MSE D 204 3.65 -30.45 -3.67
CA MSE D 204 3.33 -30.81 -5.01
C MSE D 204 2.40 -29.78 -5.61
O MSE D 204 1.45 -29.34 -4.96
CB MSE D 204 2.61 -32.13 -4.98
CG MSE D 204 3.48 -33.29 -5.09
SE MSE D 204 2.45 -34.91 -5.72
CE MSE D 204 1.55 -34.30 -7.17
N LEU D 205 2.69 -29.38 -6.83
CA LEU D 205 1.87 -28.47 -7.56
C LEU D 205 0.99 -29.32 -8.51
N GLU D 206 -0.13 -28.74 -8.95
CA GLU D 206 -1.09 -29.53 -9.75
C GLU D 206 -0.49 -30.09 -11.07
N TYR D 207 0.45 -29.39 -11.65
CA TYR D 207 1.09 -29.82 -12.89
C TYR D 207 2.14 -30.88 -12.68
N GLU D 208 2.47 -31.22 -11.42
CA GLU D 208 3.35 -32.34 -11.08
C GLU D 208 2.55 -33.57 -10.75
N TRP D 209 1.25 -33.46 -10.59
CA TRP D 209 0.37 -34.60 -10.35
C TRP D 209 -0.08 -35.26 -11.66
N LYS D 210 0.06 -36.57 -11.81
CA LYS D 210 -0.63 -37.27 -12.93
C LYS D 210 -1.31 -38.49 -12.32
N LYS D 211 -2.64 -38.50 -12.24
CA LYS D 211 -3.45 -39.71 -12.01
C LYS D 211 -4.89 -39.23 -11.71
C1 GOL E . 24.74 21.33 -6.04
O1 GOL E . 25.21 22.21 -7.07
C2 GOL E . 25.71 20.19 -5.74
O2 GOL E . 25.37 19.53 -4.52
C3 GOL E . 25.68 19.21 -6.90
O3 GOL E . 26.86 18.37 -6.86
C1 GOL F . 7.72 29.04 -6.71
O1 GOL F . 8.66 29.97 -7.32
C2 GOL F . 7.78 27.63 -7.26
O2 GOL F . 8.08 27.68 -8.66
C3 GOL F . 6.44 26.92 -7.10
O3 GOL F . 5.63 27.24 -8.26
C1 GOL G . 12.19 34.81 4.16
O1 GOL G . 11.33 34.02 4.98
C2 GOL G . 13.46 34.00 3.83
O2 GOL G . 14.14 34.64 2.76
C3 GOL G . 13.17 32.57 3.36
O3 GOL G . 14.13 32.22 2.35
CL CL H . 23.73 12.69 -11.45
C1 GOL I . -14.37 21.04 -8.30
O1 GOL I . -13.08 20.45 -8.36
C2 GOL I . -15.03 21.04 -6.93
O2 GOL I . -16.41 21.49 -6.91
C3 GOL I . -14.97 19.62 -6.41
O3 GOL I . -13.91 19.71 -5.46
C1 GOL J . -6.69 2.89 -0.11
O1 GOL J . -5.79 3.83 0.47
C2 GOL J . -8.09 3.49 -0.29
O2 GOL J . -8.86 2.59 -1.11
C3 GOL J . -8.77 3.67 1.08
O3 GOL J . -9.83 4.62 0.98
C1 GOL K . -0.03 15.48 -4.22
O1 GOL K . -0.71 14.25 -4.51
C2 GOL K . 1.02 15.12 -3.20
O2 GOL K . 0.55 13.99 -2.46
C3 GOL K . 2.34 14.82 -3.92
O3 GOL K . 3.27 14.36 -2.93
CL CL L . -12.97 2.16 7.85
CL CL M . -10.68 18.02 -5.42
C1 GOL N . 5.53 -9.88 3.52
O1 GOL N . 6.18 -9.87 2.22
C2 GOL N . 4.70 -11.10 3.87
O2 GOL N . 5.45 -12.18 4.47
C3 GOL N . 4.12 -11.68 2.62
O3 GOL N . 3.46 -12.83 3.15
C1 GOL O . 1.72 -33.86 10.75
O1 GOL O . 0.43 -33.18 10.50
C2 GOL O . 3.13 -33.40 10.29
O2 GOL O . 3.28 -32.08 9.72
C3 GOL O . 4.07 -33.37 11.48
O3 GOL O . 3.97 -32.02 11.97
#